data_8VSY
#
_entry.id   8VSY
#
_cell.length_a   167.760
_cell.length_b   43.840
_cell.length_c   87.160
_cell.angle_alpha   90.00
_cell.angle_beta   111.02
_cell.angle_gamma   90.00
#
_symmetry.space_group_name_H-M   'C 1 2 1'
#
loop_
_entity.id
_entity.type
_entity.pdbx_description
1 polymer 'Bile salt hydrolase'
2 non-polymer 'MAGNESIUM ION'
3 non-polymer 'CHLORIDE ION'
4 non-polymer GLYCEROL
5 non-polymer '(1R,3aS,3bR,5aR,7R,9aS,9bS,11aR)-1-[(2R)-6-fluoro-5-oxohexan-2-yl]-9a,11a-dimethylhexadecahydro-1H-cyclopenta[a]phenanthren-7-yl hydrogen sulfate (non-preferred name)'
6 water water
#
_entity_poly.entity_id   1
_entity_poly.type   'polypeptide(L)'
_entity_poly.pdbx_seq_one_letter_code
;CTGIRYSDGSGNLYLARNLDWTSDFGERVVVTPTGYTTKSPFGAVPAIRHAVIGMGIVQEDTPLYFDCGNDAGLAVAGLN
FPGYAQYATEAVDGATNVAAFEFPLWVASQFASVDEVEAALADVVIVDRPINDKYPSSLLHWIIGDSKRAIVVEYTSDGL
HVFDDDVDVLANQPGFGWHHENLRNYLNASPDFPEKIVLNRADLVPFGSGSLMRGIPGDYYSPSRFVRAAYVHAHYPGKS
TEEENVSRAFHTLQQVAMVDGSAAMGSGEFEKTTYTGLFSSRTMTYYWNTYEDPAVRSVAMADHAADGTELVVVLEHHHH
HH
;
_entity_poly.pdbx_strand_id   A,B
#
# COMPACT_ATOMS: atom_id res chain seq x y z
N CYS A 1 -1.00 -3.27 13.74
CA CYS A 1 -2.30 -3.66 13.15
C CYS A 1 -3.24 -2.48 13.09
N THR A 2 -4.04 -2.42 12.00
CA THR A 2 -5.06 -1.39 11.82
C THR A 2 -6.31 -2.09 11.31
N GLY A 3 -7.48 -1.69 11.81
CA GLY A 3 -8.75 -2.26 11.35
C GLY A 3 -9.70 -1.15 10.95
N ILE A 4 -10.61 -1.49 10.02
CA ILE A 4 -11.61 -0.55 9.51
C ILE A 4 -12.96 -1.23 9.40
N ARG A 5 -14.03 -0.43 9.48
CA ARG A 5 -15.40 -0.90 9.28
C ARG A 5 -16.13 0.06 8.36
N TYR A 6 -16.90 -0.47 7.42
CA TYR A 6 -17.70 0.42 6.56
C TYR A 6 -18.87 -0.38 6.00
N SER A 7 -19.74 0.32 5.28
N SER A 7 -19.77 0.33 5.31
CA SER A 7 -20.86 -0.35 4.64
CA SER A 7 -20.90 -0.32 4.65
C SER A 7 -21.01 0.21 3.24
C SER A 7 -20.99 0.17 3.22
N ASP A 8 -22.00 -0.33 2.50
CA ASP A 8 -22.23 0.08 1.13
C ASP A 8 -23.49 0.90 0.98
N GLY A 9 -24.08 1.32 2.09
CA GLY A 9 -25.34 2.02 2.05
C GLY A 9 -26.54 1.15 1.77
N SER A 10 -26.37 -0.17 1.62
CA SER A 10 -27.46 -1.09 1.31
C SER A 10 -27.55 -2.20 2.36
N GLY A 11 -26.98 -1.95 3.53
CA GLY A 11 -27.10 -2.85 4.63
C GLY A 11 -26.03 -3.91 4.70
N ASN A 12 -24.98 -3.80 3.90
CA ASN A 12 -23.91 -4.80 3.88
C ASN A 12 -22.70 -4.30 4.64
N LEU A 13 -22.11 -5.17 5.45
N LEU A 13 -22.09 -5.20 5.40
CA LEU A 13 -20.96 -4.86 6.30
CA LEU A 13 -20.98 -4.89 6.28
C LEU A 13 -19.66 -5.33 5.68
C LEU A 13 -19.66 -5.33 5.65
N TYR A 14 -18.65 -4.47 5.75
CA TYR A 14 -17.27 -4.82 5.44
C TYR A 14 -16.40 -4.49 6.65
N LEU A 15 -15.64 -5.47 7.14
CA LEU A 15 -14.73 -5.21 8.26
C LEU A 15 -13.40 -5.84 7.90
N ALA A 16 -12.32 -5.06 7.98
CA ALA A 16 -11.05 -5.56 7.44
C ALA A 16 -9.91 -5.14 8.34
N ARG A 17 -8.79 -5.87 8.28
CA ARG A 17 -7.65 -5.49 9.10
C ARG A 17 -6.32 -5.96 8.49
N ASN A 18 -5.24 -5.24 8.85
CA ASN A 18 -3.86 -5.70 8.63
C ASN A 18 -3.42 -6.46 9.89
N LEU A 19 -2.71 -7.58 9.70
CA LEU A 19 -2.02 -8.26 10.80
C LEU A 19 -0.54 -7.95 10.65
N ASP A 20 -0.06 -7.01 11.46
CA ASP A 20 1.32 -6.54 11.37
C ASP A 20 2.12 -7.26 12.43
N TRP A 21 3.24 -7.89 12.05
CA TRP A 21 4.02 -8.60 13.06
C TRP A 21 5.39 -8.89 12.49
N THR A 22 6.32 -9.32 13.37
CA THR A 22 7.66 -9.66 12.91
C THR A 22 7.77 -11.06 12.34
N SER A 23 6.71 -11.86 12.44
CA SER A 23 6.70 -13.19 11.87
C SER A 23 5.27 -13.59 11.60
N ASP A 24 5.12 -14.69 10.87
CA ASP A 24 3.82 -15.25 10.51
C ASP A 24 3.28 -16.11 11.64
N PHE A 25 1.99 -16.01 11.86
CA PHE A 25 1.36 -16.82 12.90
C PHE A 25 0.86 -18.17 12.40
N GLY A 26 0.87 -18.44 11.10
CA GLY A 26 0.34 -19.71 10.64
C GLY A 26 -1.17 -19.76 10.64
N GLU A 27 -1.78 -18.59 10.61
CA GLU A 27 -3.23 -18.47 10.64
C GLU A 27 -3.85 -19.12 9.39
N ARG A 28 -5.10 -19.53 9.54
CA ARG A 28 -5.89 -20.13 8.47
C ARG A 28 -7.30 -19.60 8.57
N VAL A 29 -8.06 -19.78 7.48
CA VAL A 29 -9.50 -19.48 7.55
C VAL A 29 -10.19 -20.61 8.30
N VAL A 30 -10.98 -20.24 9.31
CA VAL A 30 -11.66 -21.18 10.19
C VAL A 30 -13.14 -20.87 10.19
N VAL A 31 -13.95 -21.87 9.83
CA VAL A 31 -15.40 -21.81 9.93
C VAL A 31 -15.85 -22.54 11.19
N THR A 32 -16.60 -21.83 12.01
CA THR A 32 -17.21 -22.40 13.21
C THR A 32 -18.70 -22.54 12.92
N PRO A 33 -19.21 -23.77 12.76
CA PRO A 33 -20.61 -23.97 12.38
C PRO A 33 -21.54 -23.99 13.59
N THR A 34 -22.84 -23.87 13.29
CA THR A 34 -23.81 -23.77 14.38
C THR A 34 -23.95 -25.06 15.19
N GLY A 35 -23.49 -26.20 14.65
CA GLY A 35 -23.56 -27.47 15.35
C GLY A 35 -22.34 -27.82 16.16
N TYR A 36 -21.34 -26.94 16.21
CA TYR A 36 -20.12 -27.23 16.95
C TYR A 36 -20.35 -27.24 18.46
N THR A 37 -19.83 -28.25 19.14
CA THR A 37 -19.93 -28.35 20.61
C THR A 37 -18.86 -27.47 21.23
N THR A 38 -19.29 -26.47 21.99
CA THR A 38 -18.35 -25.47 22.47
C THR A 38 -17.54 -25.95 23.67
N LYS A 39 -16.43 -25.25 23.90
CA LYS A 39 -15.52 -25.51 25.00
C LYS A 39 -15.27 -24.15 25.66
N SER A 40 -16.29 -23.67 26.36
CA SER A 40 -16.28 -22.32 26.92
C SER A 40 -16.03 -22.42 28.42
N PRO A 41 -14.92 -21.89 28.95
CA PRO A 41 -14.54 -22.19 30.35
C PRO A 41 -15.53 -21.75 31.40
N PHE A 42 -16.28 -20.66 31.20
CA PHE A 42 -17.24 -20.19 32.18
C PHE A 42 -18.64 -20.11 31.60
N GLY A 43 -18.90 -20.88 30.54
CA GLY A 43 -20.24 -20.93 30.00
C GLY A 43 -20.68 -19.74 29.19
N ALA A 44 -19.77 -18.84 28.79
CA ALA A 44 -20.21 -17.65 28.04
C ALA A 44 -20.68 -18.01 26.64
N VAL A 45 -20.12 -19.06 26.05
CA VAL A 45 -20.49 -19.52 24.71
C VAL A 45 -21.08 -20.91 24.83
N PRO A 46 -22.36 -21.06 25.18
CA PRO A 46 -22.89 -22.41 25.43
C PRO A 46 -23.24 -23.16 24.16
N ALA A 47 -23.45 -22.46 23.05
CA ALA A 47 -23.79 -23.02 21.75
C ALA A 47 -23.52 -21.94 20.72
N ILE A 48 -23.38 -22.33 19.46
CA ILE A 48 -23.10 -21.39 18.39
C ILE A 48 -24.43 -20.97 17.76
N ARG A 49 -24.87 -19.72 18.01
CA ARG A 49 -26.15 -19.26 17.49
C ARG A 49 -26.05 -18.77 16.06
N HIS A 50 -24.88 -18.26 15.67
CA HIS A 50 -24.62 -17.79 14.31
C HIS A 50 -23.31 -18.37 13.84
N ALA A 51 -23.29 -18.92 12.62
CA ALA A 51 -22.04 -19.48 12.11
C ALA A 51 -21.02 -18.37 11.89
N VAL A 52 -19.75 -18.72 12.06
CA VAL A 52 -18.66 -17.73 12.05
C VAL A 52 -17.61 -18.11 11.02
N ILE A 53 -17.07 -17.13 10.31
CA ILE A 53 -15.90 -17.37 9.46
C ILE A 53 -14.86 -16.28 9.72
N GLY A 54 -13.59 -16.66 9.79
CA GLY A 54 -12.55 -15.64 9.97
C GLY A 54 -11.17 -16.26 9.96
N MET A 55 -10.16 -15.45 10.25
CA MET A 55 -8.80 -15.93 10.30
C MET A 55 -8.38 -16.21 11.74
N GLY A 56 -7.68 -17.32 11.95
CA GLY A 56 -7.27 -17.66 13.29
C GLY A 56 -6.49 -18.95 13.33
N ILE A 57 -6.39 -19.52 14.52
CA ILE A 57 -5.80 -20.83 14.70
C ILE A 57 -6.74 -21.65 15.55
N VAL A 58 -6.53 -22.96 15.56
CA VAL A 58 -7.33 -23.87 16.38
C VAL A 58 -6.37 -24.53 17.36
N GLN A 59 -6.73 -24.47 18.64
CA GLN A 59 -6.00 -25.19 19.69
C GLN A 59 -7.05 -25.85 20.56
N GLU A 60 -6.80 -27.09 20.99
CA GLU A 60 -7.75 -27.77 21.88
C GLU A 60 -9.16 -27.74 21.29
N ASP A 61 -9.28 -27.98 19.98
CA ASP A 61 -10.57 -27.99 19.29
C ASP A 61 -11.40 -26.76 19.62
N THR A 62 -10.72 -25.61 19.68
CA THR A 62 -11.33 -24.32 19.99
C THR A 62 -10.85 -23.33 18.95
N PRO A 63 -11.74 -22.55 18.31
CA PRO A 63 -11.30 -21.57 17.30
C PRO A 63 -10.81 -20.32 18.01
N LEU A 64 -9.56 -19.92 17.72
CA LEU A 64 -8.95 -18.76 18.34
C LEU A 64 -8.87 -17.70 17.24
N TYR A 65 -9.88 -16.84 17.18
CA TYR A 65 -9.97 -15.95 16.04
C TYR A 65 -9.12 -14.70 16.24
N PHE A 66 -8.46 -14.26 15.16
CA PHE A 66 -7.83 -12.94 15.10
C PHE A 66 -8.89 -11.91 14.69
N ASP A 67 -9.79 -12.29 13.78
CA ASP A 67 -10.89 -11.46 13.30
C ASP A 67 -11.85 -12.40 12.62
N CYS A 68 -13.13 -12.04 12.62
CA CYS A 68 -14.15 -12.93 12.09
C CYS A 68 -15.47 -12.20 11.94
N GLY A 69 -16.33 -12.75 11.08
CA GLY A 69 -17.69 -12.25 10.93
C GLY A 69 -18.68 -13.40 10.96
N ASN A 70 -19.96 -13.07 11.19
CA ASN A 70 -20.96 -14.14 11.30
C ASN A 70 -22.02 -14.03 10.20
N ASP A 71 -22.91 -15.03 10.17
CA ASP A 71 -24.01 -15.16 9.19
C ASP A 71 -25.13 -14.17 9.42
N ALA A 72 -25.02 -13.23 10.37
CA ALA A 72 -26.00 -12.18 10.58
C ALA A 72 -25.43 -10.79 10.34
N GLY A 73 -24.18 -10.70 9.89
CA GLY A 73 -23.60 -9.43 9.52
C GLY A 73 -22.92 -8.67 10.64
N LEU A 74 -22.45 -9.36 11.66
CA LEU A 74 -21.70 -8.76 12.75
C LEU A 74 -20.27 -9.27 12.67
N ALA A 75 -19.28 -8.39 12.83
CA ALA A 75 -17.90 -8.86 12.76
C ALA A 75 -17.05 -8.20 13.85
N VAL A 76 -15.84 -8.74 14.06
CA VAL A 76 -14.99 -8.29 15.17
C VAL A 76 -13.53 -8.60 14.82
N ALA A 77 -12.62 -7.70 15.23
CA ALA A 77 -11.20 -7.96 15.10
C ALA A 77 -10.52 -7.62 16.40
N GLY A 78 -9.55 -8.44 16.79
CA GLY A 78 -8.73 -8.21 17.98
C GLY A 78 -7.37 -7.69 17.55
N LEU A 79 -6.92 -6.62 18.21
CA LEU A 79 -5.63 -5.97 17.93
C LEU A 79 -4.82 -5.83 19.22
N ASN A 80 -3.49 -5.82 19.11
CA ASN A 80 -2.65 -5.80 20.31
C ASN A 80 -2.87 -4.52 21.11
N PHE A 81 -2.79 -4.66 22.44
CA PHE A 81 -3.01 -3.56 23.36
C PHE A 81 -2.17 -3.71 24.63
N PRO A 82 -0.95 -4.29 24.60
CA PRO A 82 -0.23 -4.46 25.88
C PRO A 82 0.18 -3.13 26.47
N GLY A 83 0.27 -3.08 27.79
CA GLY A 83 0.46 -1.83 28.50
C GLY A 83 -0.83 -1.21 28.97
N TYR A 84 -1.95 -1.62 28.37
CA TYR A 84 -3.26 -0.99 28.60
C TYR A 84 -4.28 -2.06 28.95
N ALA A 85 -4.32 -3.15 28.16
CA ALA A 85 -5.21 -4.25 28.49
C ALA A 85 -4.86 -4.80 29.86
N GLN A 86 -5.90 -5.09 30.67
CA GLN A 86 -5.68 -5.71 31.99
C GLN A 86 -6.94 -6.49 32.32
N TYR A 87 -6.93 -7.80 32.11
CA TYR A 87 -8.14 -8.55 32.31
C TYR A 87 -8.33 -8.91 33.80
N ALA A 88 -9.53 -9.37 34.12
CA ALA A 88 -9.76 -9.89 35.45
C ALA A 88 -8.97 -11.18 35.66
N THR A 89 -8.48 -11.37 36.89
N THR A 89 -8.46 -11.39 36.88
CA THR A 89 -7.67 -12.54 37.20
CA THR A 89 -7.68 -12.60 37.07
C THR A 89 -8.53 -13.78 37.47
C THR A 89 -8.54 -13.80 37.42
N GLU A 90 -9.81 -13.60 37.77
CA GLU A 90 -10.71 -14.69 38.11
C GLU A 90 -12.10 -14.35 37.62
N ALA A 91 -12.89 -15.39 37.36
CA ALA A 91 -14.28 -15.19 37.01
C ALA A 91 -15.08 -14.60 38.18
N VAL A 92 -16.10 -13.83 37.84
CA VAL A 92 -16.96 -13.15 38.80
C VAL A 92 -18.31 -13.84 38.81
N ASP A 93 -18.70 -14.39 39.98
CA ASP A 93 -19.97 -15.11 40.02
C ASP A 93 -21.11 -14.15 39.70
N GLY A 94 -22.04 -14.62 38.87
CA GLY A 94 -23.14 -13.81 38.39
C GLY A 94 -22.85 -12.94 37.17
N ALA A 95 -21.61 -12.85 36.72
CA ALA A 95 -21.30 -12.09 35.53
C ALA A 95 -21.31 -12.99 34.30
N THR A 96 -21.27 -12.37 33.11
CA THR A 96 -20.97 -13.10 31.88
C THR A 96 -19.46 -13.12 31.76
N ASN A 97 -18.83 -14.24 32.16
CA ASN A 97 -17.37 -14.33 32.22
C ASN A 97 -16.87 -14.89 30.90
N VAL A 98 -16.21 -14.04 30.12
CA VAL A 98 -15.72 -14.41 28.78
C VAL A 98 -14.21 -14.52 28.86
N ALA A 99 -13.66 -15.69 28.55
CA ALA A 99 -12.21 -15.79 28.45
C ALA A 99 -11.70 -14.93 27.30
N ALA A 100 -10.55 -14.25 27.50
CA ALA A 100 -10.08 -13.35 26.44
C ALA A 100 -9.92 -14.08 25.11
N PHE A 101 -9.40 -15.33 25.13
CA PHE A 101 -9.20 -16.01 23.84
C PHE A 101 -10.51 -16.22 23.10
N GLU A 102 -11.63 -16.32 23.82
CA GLU A 102 -12.89 -16.59 23.14
C GLU A 102 -13.71 -15.33 22.93
N PHE A 103 -13.18 -14.16 23.26
CA PHE A 103 -13.99 -12.95 23.11
C PHE A 103 -14.52 -12.77 21.69
N PRO A 104 -13.73 -12.89 20.61
CA PRO A 104 -14.33 -12.73 19.28
C PRO A 104 -15.35 -13.81 18.94
N LEU A 105 -15.07 -15.07 19.36
CA LEU A 105 -16.06 -16.15 19.21
C LEU A 105 -17.36 -15.84 19.93
N TRP A 106 -17.26 -15.27 21.14
CA TRP A 106 -18.46 -14.87 21.86
C TRP A 106 -19.26 -13.80 21.09
N VAL A 107 -18.58 -12.73 20.64
CA VAL A 107 -19.28 -11.68 19.90
C VAL A 107 -19.98 -12.26 18.67
N ALA A 108 -19.22 -12.99 17.84
CA ALA A 108 -19.76 -13.41 16.54
C ALA A 108 -20.71 -14.58 16.66
N SER A 109 -20.49 -15.49 17.61
CA SER A 109 -21.41 -16.64 17.69
C SER A 109 -22.72 -16.32 18.38
N GLN A 110 -22.79 -15.26 19.21
CA GLN A 110 -24.01 -15.08 20.02
C GLN A 110 -24.93 -13.99 19.51
N PHE A 111 -24.43 -12.97 18.78
CA PHE A 111 -25.19 -11.76 18.57
C PHE A 111 -25.32 -11.44 17.10
N ALA A 112 -26.41 -10.70 16.77
CA ALA A 112 -26.74 -10.37 15.39
C ALA A 112 -26.58 -8.89 15.06
N SER A 113 -26.23 -8.06 16.04
CA SER A 113 -26.11 -6.64 15.78
C SER A 113 -25.23 -6.02 16.84
N VAL A 114 -24.69 -4.82 16.54
CA VAL A 114 -23.95 -4.08 17.55
C VAL A 114 -24.87 -3.72 18.74
N ASP A 115 -26.12 -3.35 18.47
CA ASP A 115 -27.06 -3.10 19.56
C ASP A 115 -27.09 -4.27 20.53
N GLU A 116 -27.15 -5.50 20.03
CA GLU A 116 -27.27 -6.66 20.92
C GLU A 116 -25.99 -6.87 21.72
N VAL A 117 -24.83 -6.80 21.07
CA VAL A 117 -23.62 -7.08 21.84
C VAL A 117 -23.37 -5.96 22.84
N GLU A 118 -23.69 -4.71 22.47
CA GLU A 118 -23.49 -3.61 23.42
C GLU A 118 -24.35 -3.80 24.66
N ALA A 119 -25.59 -4.23 24.49
CA ALA A 119 -26.43 -4.54 25.65
C ALA A 119 -25.83 -5.67 26.50
N ALA A 120 -25.34 -6.73 25.86
CA ALA A 120 -24.76 -7.84 26.60
C ALA A 120 -23.49 -7.43 27.33
N LEU A 121 -22.73 -6.50 26.76
CA LEU A 121 -21.46 -6.14 27.37
C LEU A 121 -21.60 -5.50 28.74
N ALA A 122 -22.81 -5.04 29.09
CA ALA A 122 -23.01 -4.43 30.39
C ALA A 122 -22.72 -5.40 31.52
N ASP A 123 -22.80 -6.71 31.27
N ASP A 123 -22.80 -6.71 31.24
CA ASP A 123 -22.62 -7.72 32.30
CA ASP A 123 -22.69 -7.80 32.18
C ASP A 123 -21.35 -8.55 32.10
C ASP A 123 -21.33 -8.51 32.14
N VAL A 124 -20.44 -8.11 31.23
CA VAL A 124 -19.26 -8.92 30.89
C VAL A 124 -18.10 -8.58 31.77
N VAL A 125 -17.41 -9.64 32.19
CA VAL A 125 -16.06 -9.61 32.73
C VAL A 125 -15.19 -10.41 31.77
N ILE A 126 -14.11 -9.80 31.25
CA ILE A 126 -13.13 -10.54 30.43
C ILE A 126 -12.06 -11.10 31.35
N VAL A 127 -11.81 -12.41 31.29
CA VAL A 127 -10.97 -13.11 32.25
C VAL A 127 -9.70 -13.59 31.58
N ASP A 128 -8.56 -13.39 32.27
CA ASP A 128 -7.29 -13.96 31.87
C ASP A 128 -7.29 -15.45 32.17
N ARG A 129 -7.72 -16.24 31.18
N ARG A 129 -7.80 -16.23 31.21
CA ARG A 129 -7.84 -17.69 31.35
CA ARG A 129 -7.88 -17.68 31.31
C ARG A 129 -7.28 -18.26 30.06
C ARG A 129 -7.25 -18.18 30.02
N PRO A 130 -5.99 -18.56 30.02
CA PRO A 130 -5.34 -18.93 28.76
C PRO A 130 -5.90 -20.23 28.20
N ILE A 131 -5.86 -20.33 26.87
CA ILE A 131 -6.28 -21.57 26.18
C ILE A 131 -5.35 -22.73 26.54
N ASN A 132 -4.06 -22.45 26.65
CA ASN A 132 -3.06 -23.44 27.06
C ASN A 132 -1.81 -22.63 27.36
N ASP A 133 -0.66 -23.29 27.49
N ASP A 133 -0.67 -23.31 27.53
CA ASP A 133 0.57 -22.61 27.87
CA ASP A 133 0.57 -22.62 27.86
C ASP A 133 1.48 -22.27 26.69
C ASP A 133 1.53 -22.60 26.68
N LYS A 134 1.01 -22.45 25.45
CA LYS A 134 1.88 -22.32 24.29
C LYS A 134 2.31 -20.87 24.01
N TYR A 135 1.37 -19.91 24.01
CA TYR A 135 1.66 -18.50 23.70
C TYR A 135 1.65 -17.65 24.97
N PRO A 136 2.33 -16.49 24.95
CA PRO A 136 2.10 -15.51 26.02
C PRO A 136 0.62 -15.15 26.03
N SER A 137 0.08 -14.96 27.23
CA SER A 137 -1.31 -14.53 27.34
C SER A 137 -1.53 -13.26 26.53
N SER A 138 -2.66 -13.24 25.80
N SER A 138 -2.65 -13.17 25.80
CA SER A 138 -3.00 -12.13 24.95
CA SER A 138 -2.82 -12.13 24.79
C SER A 138 -3.23 -10.88 25.76
C SER A 138 -3.57 -10.91 25.30
N LEU A 139 -2.95 -9.73 25.15
CA LEU A 139 -3.37 -8.44 25.71
C LEU A 139 -3.94 -7.63 24.56
N LEU A 140 -5.26 -7.63 24.40
CA LEU A 140 -5.88 -7.12 23.18
C LEU A 140 -6.94 -6.08 23.49
N HIS A 141 -7.33 -5.31 22.45
CA HIS A 141 -8.62 -4.62 22.42
C HIS A 141 -9.29 -4.97 21.10
N TRP A 142 -10.59 -4.63 20.99
CA TRP A 142 -11.36 -5.10 19.83
C TRP A 142 -12.18 -4.00 19.20
N ILE A 143 -12.35 -4.12 17.87
CA ILE A 143 -13.35 -3.35 17.13
C ILE A 143 -14.44 -4.30 16.70
N ILE A 144 -15.71 -3.91 16.91
CA ILE A 144 -16.88 -4.70 16.58
C ILE A 144 -17.76 -3.87 15.66
N GLY A 145 -18.29 -4.45 14.59
CA GLY A 145 -19.03 -3.65 13.64
C GLY A 145 -20.16 -4.43 12.99
N ASP A 146 -21.25 -3.70 12.70
CA ASP A 146 -22.25 -4.21 11.79
C ASP A 146 -22.47 -3.18 10.69
N SER A 147 -23.48 -3.34 9.85
CA SER A 147 -23.61 -2.39 8.74
C SER A 147 -23.91 -0.98 9.21
N LYS A 148 -24.42 -0.80 10.43
CA LYS A 148 -24.76 0.50 10.97
C LYS A 148 -23.60 1.24 11.61
N ARG A 149 -22.77 0.57 12.42
CA ARG A 149 -21.81 1.35 13.21
C ARG A 149 -20.76 0.41 13.79
N ALA A 150 -19.72 1.02 14.37
CA ALA A 150 -18.66 0.31 15.07
C ALA A 150 -18.55 0.76 16.52
N ILE A 151 -18.19 -0.18 17.40
CA ILE A 151 -17.80 0.13 18.78
C ILE A 151 -16.41 -0.45 18.99
N VAL A 152 -15.72 0.09 20.00
CA VAL A 152 -14.41 -0.39 20.41
C VAL A 152 -14.56 -0.83 21.86
N VAL A 153 -14.04 -2.03 22.17
CA VAL A 153 -14.08 -2.56 23.53
C VAL A 153 -12.65 -2.58 24.06
N GLU A 154 -12.41 -1.90 25.21
CA GLU A 154 -11.13 -1.90 25.88
C GLU A 154 -11.36 -2.29 27.34
N TYR A 155 -10.63 -3.29 27.81
CA TYR A 155 -10.75 -3.78 29.17
C TYR A 155 -9.43 -3.49 29.85
N THR A 156 -9.41 -2.52 30.75
CA THR A 156 -8.17 -2.01 31.33
C THR A 156 -8.24 -2.05 32.84
N SER A 157 -7.29 -1.40 33.52
CA SER A 157 -7.38 -1.27 34.97
C SER A 157 -8.59 -0.47 35.41
N ASP A 158 -9.26 0.22 34.47
CA ASP A 158 -10.52 0.88 34.77
C ASP A 158 -11.74 0.03 34.42
N GLY A 159 -11.54 -1.23 34.06
CA GLY A 159 -12.64 -2.11 33.71
C GLY A 159 -12.98 -2.06 32.23
N LEU A 160 -14.18 -2.55 31.92
CA LEU A 160 -14.66 -2.61 30.55
C LEU A 160 -15.20 -1.27 30.13
N HIS A 161 -14.69 -0.76 29.02
CA HIS A 161 -15.25 0.45 28.42
C HIS A 161 -15.60 0.19 26.97
N VAL A 162 -16.76 0.73 26.56
CA VAL A 162 -17.26 0.61 25.20
C VAL A 162 -17.28 2.01 24.61
N PHE A 163 -16.62 2.20 23.48
CA PHE A 163 -16.57 3.49 22.79
C PHE A 163 -17.38 3.48 21.51
N ASP A 164 -18.01 4.61 21.21
CA ASP A 164 -18.64 4.85 19.93
C ASP A 164 -17.55 5.16 18.92
N ASP A 165 -17.24 4.23 18.00
CA ASP A 165 -16.10 4.45 17.11
C ASP A 165 -16.58 5.17 15.84
N ASP A 166 -16.76 6.50 15.96
CA ASP A 166 -17.36 7.28 14.89
C ASP A 166 -16.37 7.66 13.81
N VAL A 167 -15.12 7.15 13.86
CA VAL A 167 -14.25 7.19 12.70
C VAL A 167 -14.01 5.80 12.10
N ASP A 168 -14.62 4.76 12.68
CA ASP A 168 -14.65 3.41 12.08
C ASP A 168 -13.26 2.82 11.88
N VAL A 169 -12.29 3.16 12.75
CA VAL A 169 -10.93 2.59 12.64
C VAL A 169 -10.42 2.24 14.03
N LEU A 170 -9.37 1.42 14.05
CA LEU A 170 -8.73 1.07 15.32
C LEU A 170 -7.29 0.71 14.99
N ALA A 171 -6.37 1.06 15.90
CA ALA A 171 -4.97 0.67 15.77
C ALA A 171 -4.52 -0.01 17.06
N ASN A 172 -3.36 0.36 17.61
CA ASN A 172 -2.88 -0.23 18.85
C ASN A 172 -2.93 0.83 19.96
N GLN A 173 -1.96 0.77 20.91
CA GLN A 173 -1.91 1.69 22.05
C GLN A 173 -1.76 3.14 21.59
N PRO A 174 -2.16 4.10 22.44
CA PRO A 174 -2.84 3.95 23.75
C PRO A 174 -4.34 3.79 23.58
N GLY A 175 -5.15 4.24 24.55
CA GLY A 175 -6.57 3.93 24.51
C GLY A 175 -7.35 4.74 23.53
N PHE A 176 -8.61 4.33 23.33
CA PHE A 176 -9.37 4.91 22.21
C PHE A 176 -9.66 6.38 22.42
N GLY A 177 -9.92 6.78 23.67
CA GLY A 177 -10.16 8.19 23.96
C GLY A 177 -8.96 9.04 23.61
N TRP A 178 -7.77 8.53 23.88
CA TRP A 178 -6.55 9.27 23.53
C TRP A 178 -6.50 9.53 22.02
N HIS A 179 -6.68 8.47 21.20
CA HIS A 179 -6.59 8.65 19.77
C HIS A 179 -7.70 9.56 19.25
N HIS A 180 -8.91 9.42 19.80
CA HIS A 180 -10.01 10.24 19.33
C HIS A 180 -9.75 11.73 19.57
N GLU A 181 -9.19 12.06 20.74
CA GLU A 181 -8.77 13.44 21.01
C GLU A 181 -7.65 13.85 20.08
N ASN A 182 -6.74 12.92 19.75
CA ASN A 182 -5.62 13.28 18.88
C ASN A 182 -6.08 13.70 17.49
N LEU A 183 -7.24 13.20 17.04
CA LEU A 183 -7.75 13.64 15.75
C LEU A 183 -7.85 15.16 15.66
N ARG A 184 -8.04 15.81 16.82
CA ARG A 184 -8.22 17.24 16.82
C ARG A 184 -6.94 17.99 16.52
N ASN A 185 -5.82 17.28 16.36
CA ASN A 185 -4.54 17.87 15.99
C ASN A 185 -4.33 17.89 14.49
N TYR A 186 -5.34 17.49 13.69
CA TYR A 186 -5.18 17.40 12.24
C TYR A 186 -6.35 18.05 11.53
N LEU A 187 -6.85 19.16 12.09
CA LEU A 187 -8.07 19.76 11.53
C LEU A 187 -7.87 20.47 10.20
N ASN A 188 -6.61 20.79 9.83
CA ASN A 188 -6.34 21.40 8.55
C ASN A 188 -5.97 20.40 7.45
N ALA A 189 -6.09 19.10 7.71
CA ALA A 189 -5.82 18.12 6.67
C ALA A 189 -7.04 17.93 5.77
N SER A 190 -6.82 18.08 4.47
CA SER A 190 -7.93 18.05 3.51
C SER A 190 -7.47 17.50 2.16
N PRO A 191 -8.35 16.81 1.42
CA PRO A 191 -8.02 16.39 0.04
C PRO A 191 -8.15 17.51 -0.98
N ASP A 192 -8.69 18.65 -0.58
CA ASP A 192 -9.02 19.68 -1.55
C ASP A 192 -7.80 20.25 -2.24
N PHE A 193 -8.02 20.70 -3.47
CA PHE A 193 -6.98 21.34 -4.26
C PHE A 193 -7.16 22.84 -4.16
N PRO A 194 -6.21 23.59 -3.60
CA PRO A 194 -6.35 25.07 -3.60
C PRO A 194 -5.74 25.63 -4.88
N GLU A 195 -6.42 26.56 -5.55
CA GLU A 195 -5.81 27.07 -6.78
C GLU A 195 -4.63 28.01 -6.51
N LYS A 196 -4.75 28.92 -5.54
CA LYS A 196 -3.72 29.94 -5.28
C LYS A 196 -3.83 30.52 -3.88
N ILE A 197 -2.71 30.48 -3.17
N ILE A 197 -2.70 30.56 -3.16
CA ILE A 197 -2.52 31.16 -1.90
CA ILE A 197 -2.63 31.17 -1.84
C ILE A 197 -1.66 32.38 -2.16
C ILE A 197 -1.55 32.24 -1.87
N VAL A 198 -1.88 33.46 -1.42
CA VAL A 198 -0.92 34.55 -1.35
C VAL A 198 -0.42 34.66 0.08
N LEU A 199 0.90 34.43 0.28
CA LEU A 199 1.56 34.59 1.60
C LEU A 199 2.40 35.85 1.51
N ASN A 200 1.97 36.91 2.22
CA ASN A 200 2.62 38.22 2.14
C ASN A 200 2.43 38.73 0.71
N ARG A 201 3.46 38.74 -0.15
CA ARG A 201 3.27 39.08 -1.56
C ARG A 201 3.71 37.93 -2.47
N ALA A 202 3.89 36.73 -1.93
CA ALA A 202 4.25 35.55 -2.72
C ALA A 202 3.02 34.83 -3.21
N ASP A 203 2.95 34.53 -4.51
CA ASP A 203 1.84 33.76 -5.07
C ASP A 203 2.22 32.29 -5.03
N LEU A 204 1.47 31.51 -4.25
CA LEU A 204 1.84 30.12 -3.99
C LEU A 204 0.78 29.19 -4.57
N VAL A 205 1.23 28.31 -5.46
N VAL A 205 1.20 28.34 -5.51
CA VAL A 205 0.34 27.37 -6.16
CA VAL A 205 0.31 27.38 -6.15
C VAL A 205 0.81 25.97 -5.78
C VAL A 205 0.79 25.98 -5.78
N PRO A 206 -0.08 24.99 -5.64
CA PRO A 206 0.40 23.63 -5.32
C PRO A 206 1.30 23.07 -6.40
N PHE A 207 2.26 22.24 -5.97
CA PHE A 207 2.98 21.43 -6.96
C PHE A 207 2.02 20.50 -7.69
N GLY A 208 0.98 20.04 -7.00
CA GLY A 208 0.09 19.00 -7.53
C GLY A 208 -0.86 18.61 -6.43
N SER A 209 -1.41 17.40 -6.52
CA SER A 209 -2.36 16.95 -5.50
C SER A 209 -1.70 16.76 -4.14
N GLY A 210 -2.50 16.92 -3.08
CA GLY A 210 -2.07 16.62 -1.72
C GLY A 210 -1.54 17.80 -0.92
N SER A 211 -1.62 19.02 -1.46
CA SER A 211 -1.00 20.13 -0.76
C SER A 211 -1.64 20.44 0.58
N LEU A 212 -2.93 20.14 0.75
CA LEU A 212 -3.61 20.39 2.02
C LEU A 212 -3.72 19.14 2.87
N MET A 213 -3.16 18.01 2.38
CA MET A 213 -3.07 16.80 3.19
C MET A 213 -1.81 16.84 4.05
N ARG A 214 -0.93 17.81 3.80
CA ARG A 214 0.28 18.01 4.61
C ARG A 214 -0.05 18.02 6.09
N GLY A 215 0.72 17.24 6.85
CA GLY A 215 0.49 17.04 8.27
C GLY A 215 0.04 15.63 8.60
N ILE A 216 -0.60 14.94 7.66
CA ILE A 216 -0.95 13.54 7.90
C ILE A 216 0.34 12.75 8.03
N PRO A 217 0.60 12.05 9.16
CA PRO A 217 1.91 11.40 9.35
C PRO A 217 2.02 10.12 8.55
N GLY A 218 3.24 9.80 8.08
CA GLY A 218 3.47 8.60 7.27
C GLY A 218 4.21 7.47 7.98
N ASP A 219 4.46 7.66 9.27
CA ASP A 219 5.24 6.68 9.99
C ASP A 219 4.35 5.55 10.50
N TYR A 220 5.02 4.50 10.99
CA TYR A 220 4.32 3.30 11.39
C TYR A 220 3.83 3.32 12.84
N TYR A 221 4.09 4.37 13.60
CA TYR A 221 3.70 4.39 15.00
C TYR A 221 2.19 4.28 15.15
N SER A 222 1.72 3.56 16.19
CA SER A 222 0.29 3.34 16.35
C SER A 222 -0.56 4.62 16.28
N PRO A 223 -0.27 5.71 17.01
CA PRO A 223 -1.13 6.90 16.87
C PRO A 223 -1.09 7.46 15.46
N SER A 224 0.05 7.35 14.80
CA SER A 224 0.14 7.87 13.45
C SER A 224 -0.72 7.06 12.48
N ARG A 225 -0.71 5.73 12.62
CA ARG A 225 -1.57 4.92 11.77
C ARG A 225 -3.04 5.18 12.06
N PHE A 226 -3.39 5.45 13.32
CA PHE A 226 -4.79 5.76 13.62
C PHE A 226 -5.22 7.02 12.87
N VAL A 227 -4.41 8.07 12.93
CA VAL A 227 -4.75 9.32 12.23
C VAL A 227 -4.77 9.12 10.73
N ARG A 228 -3.77 8.42 10.19
CA ARG A 228 -3.70 8.23 8.74
C ARG A 228 -4.86 7.38 8.25
N ALA A 229 -5.14 6.28 8.95
CA ALA A 229 -6.32 5.49 8.59
C ALA A 229 -7.61 6.28 8.74
N ALA A 230 -7.73 7.07 9.82
CA ALA A 230 -8.98 7.83 9.98
C ALA A 230 -9.18 8.78 8.81
N TYR A 231 -8.11 9.42 8.34
CA TYR A 231 -8.22 10.33 7.20
C TYR A 231 -8.61 9.57 5.91
N VAL A 232 -7.83 8.53 5.56
CA VAL A 232 -8.07 7.83 4.30
C VAL A 232 -9.47 7.22 4.32
N HIS A 233 -9.82 6.59 5.43
CA HIS A 233 -11.09 5.90 5.52
C HIS A 233 -12.26 6.88 5.48
N ALA A 234 -12.13 8.03 6.13
CA ALA A 234 -13.21 9.02 6.11
C ALA A 234 -13.44 9.55 4.71
N HIS A 235 -12.36 9.72 3.93
CA HIS A 235 -12.50 10.38 2.63
C HIS A 235 -12.70 9.43 1.47
N TYR A 236 -12.64 8.11 1.69
CA TYR A 236 -12.84 7.17 0.60
C TYR A 236 -14.29 7.20 0.17
N PRO A 237 -14.60 7.41 -1.12
CA PRO A 237 -16.01 7.52 -1.50
C PRO A 237 -16.74 6.21 -1.32
N GLY A 238 -18.00 6.29 -0.89
CA GLY A 238 -18.77 5.07 -0.72
C GLY A 238 -18.99 4.35 -2.04
N LYS A 239 -19.01 3.02 -1.99
CA LYS A 239 -19.14 2.19 -3.19
C LYS A 239 -20.32 1.24 -3.01
N SER A 240 -20.94 0.86 -4.13
N SER A 240 -20.94 0.85 -4.12
CA SER A 240 -22.15 0.05 -4.06
CA SER A 240 -22.15 0.03 -4.07
C SER A 240 -22.03 -1.36 -4.64
C SER A 240 -21.93 -1.43 -4.45
N THR A 241 -20.86 -1.76 -5.14
CA THR A 241 -20.66 -3.11 -5.66
C THR A 241 -19.71 -3.89 -4.76
N GLU A 242 -19.84 -5.22 -4.81
CA GLU A 242 -18.91 -6.05 -4.03
C GLU A 242 -17.48 -5.84 -4.48
N GLU A 243 -17.22 -5.86 -5.80
CA GLU A 243 -15.85 -5.67 -6.31
C GLU A 243 -15.23 -4.36 -5.83
N GLU A 244 -15.97 -3.25 -5.91
CA GLU A 244 -15.38 -1.99 -5.49
C GLU A 244 -15.16 -1.93 -3.99
N ASN A 245 -16.03 -2.59 -3.22
CA ASN A 245 -15.84 -2.55 -1.77
C ASN A 245 -14.71 -3.45 -1.35
N VAL A 246 -14.49 -4.56 -2.05
CA VAL A 246 -13.30 -5.36 -1.77
C VAL A 246 -12.05 -4.53 -2.07
N SER A 247 -12.05 -3.84 -3.20
N SER A 247 -12.03 -3.84 -3.22
CA SER A 247 -10.90 -3.01 -3.57
CA SER A 247 -10.89 -2.99 -3.55
C SER A 247 -10.68 -1.90 -2.52
C SER A 247 -10.68 -1.90 -2.52
N ARG A 248 -11.77 -1.33 -2.00
CA ARG A 248 -11.65 -0.29 -1.00
C ARG A 248 -10.90 -0.80 0.25
N ALA A 249 -11.20 -2.03 0.68
CA ALA A 249 -10.53 -2.54 1.88
C ALA A 249 -9.02 -2.63 1.67
N PHE A 250 -8.62 -3.25 0.57
CA PHE A 250 -7.19 -3.51 0.38
C PHE A 250 -6.44 -2.21 0.11
N HIS A 251 -7.03 -1.28 -0.64
CA HIS A 251 -6.34 0.01 -0.82
C HIS A 251 -6.25 0.78 0.49
N THR A 252 -7.32 0.81 1.28
CA THR A 252 -7.27 1.60 2.50
C THR A 252 -6.21 1.04 3.43
N LEU A 253 -6.15 -0.29 3.54
CA LEU A 253 -5.20 -0.88 4.48
C LEU A 253 -3.77 -0.87 3.93
N GLN A 254 -3.59 -0.84 2.60
CA GLN A 254 -2.23 -0.67 2.06
C GLN A 254 -1.66 0.70 2.45
N GLN A 255 -2.53 1.71 2.62
CA GLN A 255 -2.10 3.03 3.06
C GLN A 255 -1.50 3.06 4.46
N VAL A 256 -1.81 2.09 5.31
CA VAL A 256 -1.27 2.05 6.65
C VAL A 256 -0.48 0.76 6.90
N ALA A 257 -0.11 0.05 5.83
CA ALA A 257 0.63 -1.20 5.94
C ALA A 257 2.09 -0.94 6.29
N MET A 258 2.76 -2.02 6.68
CA MET A 258 4.15 -2.01 7.16
C MET A 258 4.95 -2.87 6.20
N VAL A 259 6.09 -2.36 5.68
CA VAL A 259 6.89 -3.15 4.75
C VAL A 259 8.29 -3.31 5.33
N ASP A 260 9.01 -4.27 4.78
CA ASP A 260 10.30 -4.68 5.38
C ASP A 260 11.26 -3.51 5.50
N GLY A 261 11.94 -3.42 6.65
CA GLY A 261 13.03 -2.48 6.87
C GLY A 261 12.64 -1.17 7.53
N SER A 262 11.35 -0.80 7.51
CA SER A 262 11.00 0.57 7.88
C SER A 262 10.80 0.81 9.38
N ALA A 263 10.43 -0.22 10.15
CA ALA A 263 10.28 -0.02 11.59
C ALA A 263 10.58 -1.32 12.32
N ALA A 264 11.58 -1.27 13.22
CA ALA A 264 11.94 -2.45 14.00
C ALA A 264 11.21 -2.54 15.32
N MET A 265 11.07 -3.78 15.81
CA MET A 265 10.62 -4.02 17.17
C MET A 265 11.85 -4.11 18.09
N GLY A 266 11.61 -4.30 19.40
CA GLY A 266 12.73 -4.39 20.33
C GLY A 266 13.72 -5.47 19.94
N SER A 267 13.23 -6.57 19.40
CA SER A 267 14.09 -7.65 18.95
C SER A 267 15.04 -7.23 17.85
N GLY A 268 14.78 -6.08 17.20
CA GLY A 268 15.51 -5.68 16.04
C GLY A 268 14.91 -6.16 14.73
N GLU A 269 13.92 -7.06 14.80
N GLU A 269 13.95 -7.07 14.79
CA GLU A 269 13.22 -7.55 13.63
CA GLU A 269 13.32 -7.52 13.55
C GLU A 269 12.23 -6.50 13.13
C GLU A 269 12.25 -6.52 13.12
N PHE A 270 11.99 -6.51 11.82
CA PHE A 270 11.10 -5.52 11.22
C PHE A 270 9.66 -5.99 11.24
N GLU A 271 8.76 -5.10 11.65
N GLU A 271 8.76 -5.09 11.63
CA GLU A 271 7.34 -5.41 11.62
CA GLU A 271 7.33 -5.38 11.62
C GLU A 271 6.82 -5.22 10.20
C GLU A 271 6.81 -5.21 10.20
N LYS A 272 6.03 -6.19 9.73
CA LYS A 272 5.53 -6.18 8.34
C LYS A 272 4.06 -6.59 8.34
N THR A 273 3.31 -6.14 7.33
CA THR A 273 1.92 -6.60 7.21
C THR A 273 1.90 -8.03 6.66
N THR A 274 1.65 -9.02 7.52
CA THR A 274 1.78 -10.42 7.11
C THR A 274 0.57 -10.86 6.28
N TYR A 275 -0.62 -10.40 6.65
CA TYR A 275 -1.81 -10.60 5.85
C TYR A 275 -2.75 -9.43 6.06
N THR A 276 -3.67 -9.27 5.10
CA THR A 276 -4.75 -8.29 5.17
C THR A 276 -6.00 -9.08 4.91
N GLY A 277 -6.98 -9.00 5.80
CA GLY A 277 -8.18 -9.82 5.70
C GLY A 277 -9.42 -8.95 5.71
N LEU A 278 -10.45 -9.40 5.00
CA LEU A 278 -11.71 -8.67 4.90
C LEU A 278 -12.89 -9.62 5.05
N PHE A 279 -13.85 -9.28 5.93
CA PHE A 279 -15.10 -10.03 6.00
C PHE A 279 -16.17 -9.20 5.29
N SER A 280 -16.90 -9.82 4.35
CA SER A 280 -18.03 -9.19 3.65
C SER A 280 -19.31 -9.91 4.00
N SER A 281 -20.28 -9.21 4.60
CA SER A 281 -21.56 -9.88 4.88
C SER A 281 -22.41 -10.04 3.61
N ARG A 282 -22.21 -9.17 2.60
CA ARG A 282 -22.99 -9.27 1.36
C ARG A 282 -22.87 -10.64 0.71
N THR A 283 -21.66 -11.18 0.68
CA THR A 283 -21.39 -12.47 0.07
C THR A 283 -20.99 -13.53 1.10
N MET A 284 -21.04 -13.19 2.39
CA MET A 284 -20.59 -14.08 3.48
C MET A 284 -19.28 -14.74 3.12
N THR A 285 -18.30 -13.89 2.77
CA THR A 285 -17.03 -14.36 2.25
C THR A 285 -15.92 -13.66 3.01
N TYR A 286 -14.84 -14.41 3.27
CA TYR A 286 -13.63 -13.85 3.84
C TYR A 286 -12.59 -13.75 2.74
N TYR A 287 -12.05 -12.55 2.53
CA TYR A 287 -11.05 -12.28 1.50
C TYR A 287 -9.71 -11.96 2.16
N TRP A 288 -8.60 -12.34 1.52
CA TRP A 288 -7.32 -11.92 2.12
C TRP A 288 -6.23 -11.89 1.07
N ASN A 289 -5.16 -11.16 1.37
CA ASN A 289 -3.89 -11.36 0.67
C ASN A 289 -2.79 -11.38 1.73
N THR A 290 -1.53 -11.49 1.27
CA THR A 290 -0.41 -11.74 2.17
C THR A 290 0.79 -10.91 1.73
N TYR A 291 1.80 -10.85 2.63
CA TYR A 291 3.00 -10.11 2.26
C TYR A 291 3.59 -10.66 0.97
N GLU A 292 3.57 -11.99 0.82
CA GLU A 292 4.25 -12.64 -0.30
C GLU A 292 3.46 -12.58 -1.60
N ASP A 293 2.14 -12.32 -1.52
CA ASP A 293 1.30 -12.38 -2.72
C ASP A 293 0.12 -11.44 -2.57
N PRO A 294 0.06 -10.36 -3.36
CA PRO A 294 -1.04 -9.39 -3.22
C PRO A 294 -2.33 -9.84 -3.85
N ALA A 295 -2.34 -10.93 -4.63
CA ALA A 295 -3.59 -11.39 -5.19
C ALA A 295 -4.59 -11.75 -4.10
N VAL A 296 -5.83 -11.34 -4.29
CA VAL A 296 -6.87 -11.56 -3.29
C VAL A 296 -7.39 -12.98 -3.42
N ARG A 297 -7.40 -13.71 -2.31
CA ARG A 297 -7.97 -15.05 -2.21
C ARG A 297 -9.26 -14.96 -1.41
N SER A 298 -10.13 -15.96 -1.53
CA SER A 298 -11.38 -15.88 -0.79
C SER A 298 -11.90 -17.26 -0.44
N VAL A 299 -12.65 -17.30 0.66
CA VAL A 299 -13.39 -18.47 1.09
C VAL A 299 -14.81 -18.03 1.36
N ALA A 300 -15.79 -18.69 0.72
CA ALA A 300 -17.21 -18.41 0.96
C ALA A 300 -17.75 -19.36 2.02
N MET A 301 -18.45 -18.81 3.00
N MET A 301 -18.45 -18.81 3.01
CA MET A 301 -19.03 -19.66 4.04
CA MET A 301 -19.02 -19.68 4.05
C MET A 301 -19.98 -20.68 3.43
C MET A 301 -20.01 -20.68 3.45
N ALA A 302 -20.66 -20.31 2.36
CA ALA A 302 -21.63 -21.21 1.72
C ALA A 302 -20.98 -22.46 1.13
N ASP A 303 -19.67 -22.48 0.95
CA ASP A 303 -19.01 -23.69 0.44
C ASP A 303 -18.68 -24.68 1.53
N HIS A 304 -19.00 -24.32 2.77
CA HIS A 304 -18.76 -25.18 3.92
C HIS A 304 -20.08 -25.36 4.65
N ALA A 305 -20.18 -26.42 5.43
CA ALA A 305 -21.45 -26.71 6.09
C ALA A 305 -21.54 -25.81 7.31
N ALA A 306 -22.25 -24.69 7.17
CA ALA A 306 -22.38 -23.73 8.27
C ALA A 306 -23.21 -24.29 9.42
N ASP A 307 -23.94 -25.38 9.18
CA ASP A 307 -24.67 -26.05 10.24
C ASP A 307 -24.08 -27.43 10.55
N GLY A 308 -22.84 -27.68 10.15
CA GLY A 308 -22.18 -28.89 10.55
C GLY A 308 -21.78 -28.87 12.02
N THR A 309 -21.07 -29.92 12.42
CA THR A 309 -20.74 -30.13 13.82
C THR A 309 -19.26 -29.96 14.14
N GLU A 310 -18.40 -29.72 13.14
CA GLU A 310 -16.95 -29.70 13.35
C GLU A 310 -16.39 -28.37 12.88
N LEU A 311 -15.41 -27.84 13.61
CA LEU A 311 -14.62 -26.74 13.07
C LEU A 311 -14.07 -27.13 11.71
N VAL A 312 -14.07 -26.18 10.77
CA VAL A 312 -13.50 -26.38 9.45
C VAL A 312 -12.28 -25.49 9.31
N VAL A 313 -11.12 -26.09 9.13
CA VAL A 313 -9.91 -25.34 8.81
C VAL A 313 -9.75 -25.45 7.31
N VAL A 314 -9.85 -24.31 6.62
CA VAL A 314 -10.01 -24.37 5.17
C VAL A 314 -8.64 -24.49 4.53
N LEU A 315 -8.57 -25.33 3.51
CA LEU A 315 -7.40 -25.46 2.63
C LEU A 315 -7.72 -25.08 1.19
N GLU A 316 -8.91 -25.43 0.69
CA GLU A 316 -9.32 -25.12 -0.69
C GLU A 316 -9.97 -23.74 -0.73
N HIS A 317 -9.43 -22.86 -1.56
CA HIS A 317 -9.94 -21.49 -1.62
C HIS A 317 -9.87 -20.94 -3.04
N HIS A 318 -10.49 -19.78 -3.20
CA HIS A 318 -10.33 -18.95 -4.37
C HIS A 318 -9.38 -17.79 -4.03
N CYS B 1 3.05 10.29 -9.50
CA CYS B 1 3.88 9.13 -9.84
C CYS B 1 5.17 9.10 -9.03
N THR B 2 5.63 7.88 -8.72
CA THR B 2 6.88 7.67 -8.00
C THR B 2 7.57 6.49 -8.67
N GLY B 3 8.89 6.60 -8.86
CA GLY B 3 9.65 5.50 -9.43
C GLY B 3 10.84 5.14 -8.56
N ILE B 4 11.28 3.88 -8.67
CA ILE B 4 12.39 3.36 -7.85
C ILE B 4 13.30 2.49 -8.72
N ARG B 5 14.59 2.43 -8.34
CA ARG B 5 15.55 1.52 -8.98
C ARG B 5 16.33 0.75 -7.92
N TYR B 6 16.51 -0.55 -8.13
CA TYR B 6 17.36 -1.30 -7.19
C TYR B 6 17.94 -2.52 -7.89
N SER B 7 18.80 -3.24 -7.18
N SER B 7 18.80 -3.23 -7.17
CA SER B 7 19.35 -4.47 -7.71
CA SER B 7 19.41 -4.45 -7.69
C SER B 7 19.27 -5.55 -6.63
C SER B 7 19.34 -5.52 -6.61
N ASP B 8 19.72 -6.75 -7.00
CA ASP B 8 19.78 -7.89 -6.08
C ASP B 8 21.18 -8.25 -5.65
N GLY B 9 22.17 -7.41 -5.95
CA GLY B 9 23.52 -7.76 -5.57
C GLY B 9 24.20 -8.74 -6.51
N SER B 10 23.50 -9.22 -7.52
CA SER B 10 24.06 -10.18 -8.46
C SER B 10 23.93 -9.70 -9.90
N GLY B 11 23.83 -8.40 -10.09
CA GLY B 11 23.87 -7.85 -11.43
C GLY B 11 22.53 -7.71 -12.11
N ASN B 12 21.42 -7.91 -11.39
CA ASN B 12 20.10 -7.82 -12.00
C ASN B 12 19.43 -6.52 -11.59
N LEU B 13 18.75 -5.88 -12.55
CA LEU B 13 18.09 -4.59 -12.39
C LEU B 13 16.60 -4.76 -12.13
N TYR B 14 16.07 -3.97 -11.18
CA TYR B 14 14.63 -3.84 -10.98
C TYR B 14 14.31 -2.36 -11.06
N LEU B 15 13.39 -1.97 -11.95
CA LEU B 15 12.97 -0.57 -11.99
C LEU B 15 11.45 -0.56 -12.04
N ALA B 16 10.82 0.23 -11.18
CA ALA B 16 9.37 0.13 -11.02
C ALA B 16 8.77 1.50 -10.81
N ARG B 17 7.48 1.66 -11.15
CA ARG B 17 6.85 2.95 -10.89
C ARG B 17 5.34 2.77 -10.65
N ASN B 18 4.79 3.74 -9.94
CA ASN B 18 3.32 3.97 -9.91
C ASN B 18 2.97 4.96 -11.03
N LEU B 19 1.84 4.71 -11.71
CA LEU B 19 1.23 5.67 -12.64
C LEU B 19 0.01 6.24 -11.91
N ASP B 20 0.19 7.44 -11.35
CA ASP B 20 -0.88 8.08 -10.57
C ASP B 20 -1.61 9.07 -11.47
N TRP B 21 -2.94 8.98 -11.51
CA TRP B 21 -3.67 9.87 -12.41
C TRP B 21 -5.15 9.80 -12.07
N THR B 22 -5.93 10.67 -12.71
CA THR B 22 -7.37 10.74 -12.41
C THR B 22 -8.18 9.85 -13.33
N SER B 23 -7.55 9.25 -14.33
CA SER B 23 -8.17 8.29 -15.24
C SER B 23 -7.04 7.43 -15.80
N ASP B 24 -7.41 6.39 -16.52
CA ASP B 24 -6.45 5.48 -17.14
C ASP B 24 -6.17 5.91 -18.57
N PHE B 25 -5.02 5.51 -19.08
CA PHE B 25 -4.62 5.92 -20.41
C PHE B 25 -4.84 4.86 -21.50
N GLY B 26 -5.32 3.66 -21.16
CA GLY B 26 -5.45 2.67 -22.21
C GLY B 26 -4.15 1.98 -22.53
N GLU B 27 -3.18 2.11 -21.65
CA GLU B 27 -1.84 1.55 -21.88
C GLU B 27 -1.85 0.02 -21.92
N ARG B 28 -0.88 -0.53 -22.63
CA ARG B 28 -0.69 -1.95 -22.79
C ARG B 28 0.80 -2.23 -22.71
N VAL B 29 1.17 -3.49 -22.53
CA VAL B 29 2.58 -3.86 -22.69
C VAL B 29 2.90 -3.87 -24.18
N VAL B 30 3.98 -3.18 -24.56
CA VAL B 30 4.41 -3.05 -25.97
C VAL B 30 5.84 -3.56 -26.05
N VAL B 31 6.08 -4.49 -26.97
CA VAL B 31 7.42 -4.97 -27.29
C VAL B 31 7.89 -4.34 -28.59
N THR B 32 9.08 -3.72 -28.54
CA THR B 32 9.71 -3.13 -29.73
C THR B 32 10.87 -4.02 -30.15
N PRO B 33 10.76 -4.73 -31.28
CA PRO B 33 11.78 -5.73 -31.62
C PRO B 33 12.94 -5.12 -32.40
N THR B 34 14.00 -5.93 -32.56
CA THR B 34 15.19 -5.35 -33.19
C THR B 34 15.01 -5.07 -34.67
N GLY B 35 14.02 -5.68 -35.32
CA GLY B 35 13.83 -5.48 -36.75
C GLY B 35 12.82 -4.40 -37.10
N TYR B 36 12.28 -3.71 -36.11
CA TYR B 36 11.32 -2.64 -36.35
C TYR B 36 11.99 -1.47 -37.09
N THR B 37 11.32 -0.95 -38.12
CA THR B 37 11.81 0.24 -38.82
C THR B 37 11.39 1.49 -38.03
N THR B 38 12.38 2.23 -37.56
CA THR B 38 12.07 3.34 -36.68
C THR B 38 11.55 4.55 -37.46
N LYS B 39 10.89 5.45 -36.71
CA LYS B 39 10.36 6.70 -37.24
C LYS B 39 10.81 7.79 -36.27
N SER B 40 12.07 8.17 -36.41
CA SER B 40 12.74 9.04 -35.44
C SER B 40 12.91 10.42 -36.05
N PRO B 41 12.29 11.46 -35.48
CA PRO B 41 12.22 12.75 -36.20
C PRO B 41 13.57 13.32 -36.61
N PHE B 42 14.60 13.17 -35.77
CA PHE B 42 15.89 13.79 -36.04
C PHE B 42 16.99 12.74 -36.11
N GLY B 43 16.60 11.50 -36.37
CA GLY B 43 17.50 10.38 -36.50
C GLY B 43 18.19 9.91 -35.23
N ALA B 44 17.66 10.26 -34.04
CA ALA B 44 18.34 9.81 -32.83
C ALA B 44 18.21 8.31 -32.62
N VAL B 45 17.13 7.72 -33.11
CA VAL B 45 16.88 6.28 -33.00
C VAL B 45 16.88 5.69 -34.42
N PRO B 46 18.06 5.41 -34.98
CA PRO B 46 18.10 4.97 -36.38
C PRO B 46 17.71 3.53 -36.59
N ALA B 47 17.81 2.70 -35.55
CA ALA B 47 17.47 1.29 -35.59
C ALA B 47 17.39 0.82 -34.15
N ILE B 48 16.73 -0.30 -33.91
CA ILE B 48 16.58 -0.83 -32.56
C ILE B 48 17.78 -1.74 -32.25
N ARG B 49 18.70 -1.28 -31.39
CA ARG B 49 19.88 -2.10 -31.08
C ARG B 49 19.57 -3.15 -30.02
N HIS B 50 18.69 -2.81 -29.09
CA HIS B 50 18.28 -3.69 -28.01
C HIS B 50 16.77 -3.72 -28.00
N ALA B 51 16.20 -4.93 -27.98
CA ALA B 51 14.75 -5.06 -27.88
C ALA B 51 14.24 -4.44 -26.59
N VAL B 52 13.03 -3.92 -26.63
CA VAL B 52 12.46 -3.14 -25.52
C VAL B 52 11.10 -3.71 -25.14
N ILE B 53 10.82 -3.75 -23.84
CA ILE B 53 9.48 -4.09 -23.34
C ILE B 53 9.06 -3.08 -22.28
N GLY B 54 7.82 -2.61 -22.34
CA GLY B 54 7.36 -1.73 -21.27
C GLY B 54 5.90 -1.39 -21.47
N MET B 55 5.40 -0.46 -20.66
N MET B 55 5.38 -0.51 -20.62
CA MET B 55 4.02 -0.03 -20.73
CA MET B 55 4.01 -0.03 -20.73
C MET B 55 3.89 1.26 -21.52
C MET B 55 3.97 1.21 -21.61
N GLY B 56 2.91 1.32 -22.42
CA GLY B 56 2.70 2.55 -23.17
C GLY B 56 1.59 2.40 -24.20
N ILE B 57 1.64 3.27 -25.20
CA ILE B 57 0.65 3.24 -26.26
C ILE B 57 1.39 3.29 -27.58
N VAL B 58 0.67 3.02 -28.66
CA VAL B 58 1.23 3.11 -30.00
C VAL B 58 0.45 4.17 -30.76
N GLN B 59 1.15 5.14 -31.34
CA GLN B 59 0.53 6.12 -32.24
C GLN B 59 1.47 6.27 -33.41
N GLU B 60 0.91 6.41 -34.62
CA GLU B 60 1.77 6.65 -35.80
C GLU B 60 2.84 5.55 -35.93
N ASP B 61 2.45 4.29 -35.65
CA ASP B 61 3.37 3.14 -35.73
C ASP B 61 4.65 3.40 -34.95
N THR B 62 4.50 4.09 -33.81
CA THR B 62 5.63 4.45 -32.93
C THR B 62 5.29 4.08 -31.50
N PRO B 63 6.21 3.42 -30.77
CA PRO B 63 5.91 3.07 -29.36
C PRO B 63 6.16 4.28 -28.45
N LEU B 64 5.12 4.68 -27.73
CA LEU B 64 5.22 5.82 -26.81
C LEU B 64 5.24 5.25 -25.40
N TYR B 65 6.44 5.12 -24.84
CA TYR B 65 6.56 4.37 -23.60
C TYR B 65 6.37 5.29 -22.39
N PHE B 66 5.64 4.78 -21.39
CA PHE B 66 5.62 5.43 -20.09
C PHE B 66 6.84 5.01 -19.28
N ASP B 67 7.27 3.77 -19.44
CA ASP B 67 8.43 3.18 -18.78
C ASP B 67 8.74 1.91 -19.54
N CYS B 68 10.01 1.52 -19.53
CA CYS B 68 10.40 0.35 -20.33
C CYS B 68 11.82 -0.07 -19.93
N GLY B 69 12.13 -1.34 -20.27
CA GLY B 69 13.45 -1.89 -20.06
C GLY B 69 13.88 -2.64 -21.30
N ASN B 70 15.18 -2.87 -21.42
CA ASN B 70 15.66 -3.52 -22.65
C ASN B 70 16.32 -4.86 -22.32
N ASP B 71 16.77 -5.56 -23.38
CA ASP B 71 17.34 -6.90 -23.24
C ASP B 71 18.80 -6.87 -22.83
N ALA B 72 19.32 -5.68 -22.48
CA ALA B 72 20.67 -5.52 -21.96
C ALA B 72 20.69 -5.05 -20.50
N GLY B 73 19.54 -4.94 -19.85
CA GLY B 73 19.53 -4.56 -18.44
C GLY B 73 19.51 -3.07 -18.15
N LEU B 74 18.99 -2.26 -19.06
CA LEU B 74 18.84 -0.82 -18.84
C LEU B 74 17.36 -0.50 -18.90
N ALA B 75 16.88 0.39 -18.03
CA ALA B 75 15.45 0.74 -18.00
C ALA B 75 15.27 2.23 -17.69
N VAL B 76 14.05 2.73 -17.96
CA VAL B 76 13.77 4.17 -17.86
C VAL B 76 12.29 4.35 -17.61
N ALA B 77 11.94 5.37 -16.83
CA ALA B 77 10.54 5.74 -16.63
C ALA B 77 10.41 7.24 -16.78
N GLY B 78 9.34 7.69 -17.44
CA GLY B 78 9.02 9.11 -17.54
C GLY B 78 7.89 9.47 -16.59
N LEU B 79 8.11 10.56 -15.84
CA LEU B 79 7.17 11.04 -14.82
C LEU B 79 6.87 12.51 -15.08
N ASN B 80 5.68 12.98 -14.69
CA ASN B 80 5.28 14.35 -15.00
C ASN B 80 6.20 15.35 -14.30
N PHE B 81 6.45 16.47 -14.98
CA PHE B 81 7.31 17.56 -14.51
C PHE B 81 6.79 18.92 -14.99
N PRO B 82 5.47 19.17 -15.12
CA PRO B 82 5.07 20.49 -15.65
C PRO B 82 5.41 21.60 -14.67
N GLY B 83 5.65 22.79 -15.21
CA GLY B 83 6.17 23.89 -14.41
C GLY B 83 7.67 23.99 -14.42
N TYR B 84 8.35 22.92 -14.79
CA TYR B 84 9.80 22.82 -14.72
C TYR B 84 10.34 22.34 -16.06
N ALA B 85 9.72 21.28 -16.62
CA ALA B 85 10.12 20.83 -17.94
C ALA B 85 9.94 21.94 -18.96
N GLN B 86 10.95 22.10 -19.81
CA GLN B 86 10.84 23.05 -20.92
C GLN B 86 11.84 22.57 -21.96
N TYR B 87 11.32 21.91 -23.01
CA TYR B 87 12.20 21.33 -24.00
C TYR B 87 12.70 22.41 -24.98
N ALA B 88 13.72 22.06 -25.76
CA ALA B 88 14.17 22.97 -26.82
C ALA B 88 13.08 23.15 -27.88
N THR B 89 12.99 24.35 -28.46
CA THR B 89 11.95 24.55 -29.47
C THR B 89 12.33 23.99 -30.85
N GLU B 90 13.61 23.72 -31.09
N GLU B 90 13.61 23.76 -31.11
CA GLU B 90 14.05 23.22 -32.39
CA GLU B 90 14.07 23.24 -32.39
C GLU B 90 15.30 22.37 -32.18
C GLU B 90 15.29 22.36 -32.17
N ALA B 91 15.51 21.45 -33.12
CA ALA B 91 16.74 20.67 -33.15
C ALA B 91 17.97 21.56 -33.37
N VAL B 92 19.10 21.10 -32.83
CA VAL B 92 20.39 21.79 -32.95
C VAL B 92 21.34 20.99 -33.84
N ASP B 93 21.92 21.62 -34.88
CA ASP B 93 22.89 20.91 -35.70
C ASP B 93 24.03 20.36 -34.85
N GLY B 94 24.40 19.11 -35.10
CA GLY B 94 25.47 18.46 -34.41
C GLY B 94 25.08 17.77 -33.12
N ALA B 95 23.94 18.11 -32.57
CA ALA B 95 23.53 17.48 -31.32
C ALA B 95 22.85 16.17 -31.64
N THR B 96 22.67 15.36 -30.59
CA THR B 96 21.76 14.22 -30.60
C THR B 96 20.40 14.75 -30.22
N ASN B 97 19.55 14.99 -31.22
CA ASN B 97 18.26 15.65 -31.03
C ASN B 97 17.22 14.57 -30.85
N VAL B 98 16.64 14.50 -29.64
CA VAL B 98 15.72 13.44 -29.27
C VAL B 98 14.36 14.07 -29.06
N ALA B 99 13.34 13.65 -29.83
CA ALA B 99 12.00 14.13 -29.50
C ALA B 99 11.59 13.63 -28.13
N ALA B 100 10.90 14.47 -27.35
CA ALA B 100 10.54 14.05 -25.99
C ALA B 100 9.77 12.74 -26.00
N PHE B 101 8.83 12.56 -26.95
CA PHE B 101 8.02 11.33 -26.91
C PHE B 101 8.87 10.08 -27.11
N GLU B 102 10.01 10.19 -27.80
CA GLU B 102 10.84 9.01 -28.05
C GLU B 102 11.99 8.91 -27.07
N PHE B 103 12.08 9.81 -26.08
CA PHE B 103 13.22 9.72 -25.16
C PHE B 103 13.35 8.37 -24.47
N PRO B 104 12.30 7.75 -23.90
CA PRO B 104 12.52 6.41 -23.32
C PRO B 104 12.90 5.37 -24.36
N LEU B 105 12.31 5.44 -25.56
CA LEU B 105 12.70 4.54 -26.64
C LEU B 105 14.17 4.72 -27.00
N TRP B 106 14.64 5.96 -27.04
CA TRP B 106 16.06 6.21 -27.31
C TRP B 106 16.95 5.57 -26.25
N VAL B 107 16.66 5.82 -24.97
CA VAL B 107 17.48 5.25 -23.89
C VAL B 107 17.54 3.73 -24.03
N ALA B 108 16.36 3.09 -24.13
CA ALA B 108 16.35 1.63 -24.04
C ALA B 108 16.75 0.97 -25.35
N SER B 109 16.48 1.59 -26.49
CA SER B 109 16.82 0.88 -27.72
C SER B 109 18.28 1.05 -28.10
N GLN B 110 18.97 2.07 -27.56
CA GLN B 110 20.33 2.35 -28.02
C GLN B 110 21.45 1.90 -27.10
N PHE B 111 21.21 1.82 -25.79
CA PHE B 111 22.31 1.71 -24.83
C PHE B 111 22.15 0.52 -23.92
N ALA B 112 23.29 0.05 -23.41
CA ALA B 112 23.31 -1.14 -22.55
C ALA B 112 23.67 -0.85 -21.10
N SER B 113 23.94 0.39 -20.74
CA SER B 113 24.33 0.71 -19.37
C SER B 113 24.13 2.18 -19.15
N VAL B 114 24.07 2.54 -17.87
CA VAL B 114 23.98 3.97 -17.52
C VAL B 114 25.23 4.71 -17.97
N ASP B 115 26.41 4.07 -17.85
CA ASP B 115 27.63 4.70 -18.37
C ASP B 115 27.45 5.15 -19.81
N GLU B 116 26.91 4.26 -20.65
CA GLU B 116 26.74 4.59 -22.06
C GLU B 116 25.73 5.71 -22.28
N VAL B 117 24.60 5.66 -21.55
N VAL B 117 24.57 5.63 -21.63
CA VAL B 117 23.60 6.73 -21.65
CA VAL B 117 23.61 6.69 -21.94
C VAL B 117 24.21 8.05 -21.25
C VAL B 117 24.05 8.01 -21.31
N GLU B 118 24.84 8.10 -20.07
N GLU B 118 24.78 7.96 -20.19
CA GLU B 118 25.34 9.36 -19.56
CA GLU B 118 25.32 9.18 -19.59
C GLU B 118 26.38 9.95 -20.51
C GLU B 118 26.30 9.87 -20.52
N ALA B 119 27.19 9.09 -21.14
CA ALA B 119 28.12 9.61 -22.12
C ALA B 119 27.39 10.20 -23.32
N ALA B 120 26.33 9.53 -23.79
CA ALA B 120 25.58 10.06 -24.92
C ALA B 120 24.87 11.36 -24.57
N LEU B 121 24.41 11.50 -23.32
CA LEU B 121 23.64 12.67 -22.93
C LEU B 121 24.46 13.95 -22.98
N ALA B 122 25.78 13.83 -23.05
CA ALA B 122 26.63 15.02 -23.13
C ALA B 122 26.28 15.86 -24.36
N ASP B 123 25.76 15.23 -25.41
CA ASP B 123 25.41 15.96 -26.63
C ASP B 123 23.92 16.03 -26.90
N VAL B 124 23.07 15.71 -25.92
CA VAL B 124 21.64 15.57 -26.24
C VAL B 124 20.93 16.90 -26.11
N VAL B 125 20.02 17.15 -27.05
CA VAL B 125 18.99 18.18 -26.96
C VAL B 125 17.65 17.45 -27.00
N ILE B 126 16.78 17.69 -26.04
CA ILE B 126 15.42 17.13 -26.07
C ILE B 126 14.49 18.16 -26.67
N VAL B 127 13.80 17.80 -27.75
CA VAL B 127 13.05 18.76 -28.57
C VAL B 127 11.55 18.59 -28.35
N ASP B 128 10.86 19.72 -28.23
CA ASP B 128 9.41 19.76 -28.26
C ASP B 128 8.93 19.50 -29.69
N ARG B 129 8.74 18.23 -30.03
CA ARG B 129 8.30 17.80 -31.35
C ARG B 129 7.22 16.75 -31.08
N PRO B 130 5.96 17.16 -30.98
CA PRO B 130 4.92 16.22 -30.57
C PRO B 130 4.71 15.12 -31.61
N ILE B 131 4.33 13.93 -31.11
CA ILE B 131 3.97 12.83 -32.00
C ILE B 131 2.78 13.20 -32.89
N ASN B 132 1.80 13.90 -32.32
CA ASN B 132 0.60 14.39 -32.99
C ASN B 132 -0.08 15.33 -31.99
N ASP B 133 -1.32 15.77 -32.29
CA ASP B 133 -1.96 16.74 -31.40
C ASP B 133 -3.06 16.12 -30.53
N LYS B 134 -3.06 14.80 -30.37
N LYS B 134 -3.10 14.80 -30.42
CA LYS B 134 -4.15 14.13 -29.68
CA LYS B 134 -4.16 14.13 -29.65
C LYS B 134 -4.13 14.36 -28.17
C LYS B 134 -4.11 14.56 -28.18
N TYR B 135 -2.95 14.48 -27.56
CA TYR B 135 -2.75 14.80 -26.16
C TYR B 135 -2.02 16.12 -26.01
N PRO B 136 -2.16 16.80 -24.87
CA PRO B 136 -1.30 17.95 -24.58
C PRO B 136 0.14 17.52 -24.63
N SER B 137 1.00 18.38 -25.18
CA SER B 137 2.42 18.07 -25.27
C SER B 137 2.99 17.72 -23.90
N SER B 138 3.82 16.68 -23.88
CA SER B 138 4.35 16.14 -22.64
C SER B 138 5.22 17.18 -21.93
N LEU B 139 5.27 17.06 -20.60
CA LEU B 139 6.21 17.85 -19.78
C LEU B 139 6.73 16.88 -18.73
N LEU B 140 7.84 16.20 -19.02
CA LEU B 140 8.30 15.05 -18.24
C LEU B 140 9.72 15.26 -17.74
N HIS B 141 10.09 14.45 -16.75
CA HIS B 141 11.48 14.15 -16.46
C HIS B 141 11.61 12.62 -16.33
N TRP B 142 12.86 12.11 -16.31
CA TRP B 142 13.05 10.67 -16.37
C TRP B 142 14.05 10.17 -15.33
N ILE B 143 13.79 8.95 -14.85
CA ILE B 143 14.77 8.17 -14.09
C ILE B 143 15.25 7.06 -15.01
N ILE B 144 16.57 6.86 -15.05
CA ILE B 144 17.21 5.82 -15.86
C ILE B 144 18.07 4.98 -14.95
N GLY B 145 18.00 3.64 -15.08
CA GLY B 145 18.74 2.78 -14.18
C GLY B 145 19.25 1.52 -14.84
N ASP B 146 20.40 1.05 -14.36
CA ASP B 146 20.87 -0.30 -14.65
C ASP B 146 21.18 -0.98 -13.31
N SER B 147 21.81 -2.17 -13.31
CA SER B 147 21.99 -2.86 -12.04
C SER B 147 22.94 -2.09 -11.09
N LYS B 148 23.75 -1.17 -11.63
CA LYS B 148 24.72 -0.45 -10.81
C LYS B 148 24.19 0.82 -10.19
N ARG B 149 23.38 1.64 -10.90
CA ARG B 149 23.05 2.97 -10.40
C ARG B 149 21.94 3.58 -11.23
N ALA B 150 21.42 4.72 -10.74
CA ALA B 150 20.38 5.49 -11.40
C ALA B 150 20.84 6.91 -11.67
N ILE B 151 20.33 7.50 -12.76
CA ILE B 151 20.52 8.93 -13.04
C ILE B 151 19.13 9.50 -13.29
N VAL B 152 19.01 10.82 -13.11
CA VAL B 152 17.77 11.54 -13.38
C VAL B 152 18.08 12.58 -14.45
N VAL B 153 17.19 12.69 -15.42
CA VAL B 153 17.36 13.64 -16.54
C VAL B 153 16.24 14.65 -16.46
N GLU B 154 16.61 15.95 -16.38
CA GLU B 154 15.66 17.04 -16.36
C GLU B 154 16.10 18.08 -17.38
N TYR B 155 15.20 18.42 -18.30
CA TYR B 155 15.47 19.39 -19.34
C TYR B 155 14.58 20.60 -19.06
N THR B 156 15.18 21.72 -18.67
CA THR B 156 14.45 22.87 -18.16
C THR B 156 14.82 24.09 -19.00
N SER B 157 14.42 25.27 -18.51
CA SER B 157 14.69 26.48 -19.29
C SER B 157 16.17 26.75 -19.45
N ASP B 158 17.04 26.22 -18.60
CA ASP B 158 18.46 26.41 -18.85
C ASP B 158 19.14 25.13 -19.32
N GLY B 159 18.37 24.23 -19.92
CA GLY B 159 18.97 23.14 -20.66
C GLY B 159 18.93 21.82 -19.92
N LEU B 160 19.86 20.97 -20.31
CA LEU B 160 19.91 19.59 -19.85
C LEU B 160 20.63 19.49 -18.51
N HIS B 161 20.00 18.79 -17.56
CA HIS B 161 20.63 18.50 -16.29
C HIS B 161 20.58 17.00 -16.07
N VAL B 162 21.72 16.39 -15.72
CA VAL B 162 21.79 14.97 -15.39
C VAL B 162 22.25 14.87 -13.95
N PHE B 163 21.50 14.14 -13.13
CA PHE B 163 21.82 14.00 -11.71
C PHE B 163 22.19 12.57 -11.37
N ASP B 164 23.12 12.43 -10.42
CA ASP B 164 23.42 11.14 -9.79
C ASP B 164 22.32 10.86 -8.78
N ASP B 165 21.45 9.89 -9.07
CA ASP B 165 20.32 9.65 -8.15
C ASP B 165 20.73 8.65 -7.08
N ASP B 166 21.42 9.18 -6.04
CA ASP B 166 21.98 8.28 -5.05
C ASP B 166 20.95 7.85 -4.01
N VAL B 167 19.67 8.23 -4.16
CA VAL B 167 18.63 7.62 -3.37
C VAL B 167 17.72 6.73 -4.21
N ASP B 168 18.01 6.60 -5.51
CA ASP B 168 17.34 5.63 -6.39
C ASP B 168 15.81 5.82 -6.48
N VAL B 169 15.31 7.05 -6.30
CA VAL B 169 13.86 7.32 -6.42
C VAL B 169 13.64 8.58 -7.24
N LEU B 170 12.40 8.75 -7.69
CA LEU B 170 12.02 9.97 -8.37
C LEU B 170 10.52 10.16 -8.16
N ALA B 171 10.09 11.41 -8.06
CA ALA B 171 8.66 11.73 -7.95
C ALA B 171 8.34 12.78 -9.01
N ASN B 172 7.59 13.83 -8.66
CA ASN B 172 7.29 14.88 -9.65
C ASN B 172 8.03 16.16 -9.28
N GLN B 173 7.44 17.32 -9.54
CA GLN B 173 8.13 18.58 -9.30
C GLN B 173 8.33 18.84 -7.79
N PRO B 174 9.24 19.72 -7.41
CA PRO B 174 10.16 20.50 -8.27
C PRO B 174 11.39 19.70 -8.66
N GLY B 175 12.52 20.33 -9.02
CA GLY B 175 13.62 19.60 -9.63
C GLY B 175 14.37 18.75 -8.65
N PHE B 176 15.28 17.94 -9.19
CA PHE B 176 15.87 16.88 -8.39
C PHE B 176 16.75 17.45 -7.30
N GLY B 177 17.47 18.54 -7.59
CA GLY B 177 18.32 19.11 -6.57
C GLY B 177 17.52 19.64 -5.40
N TRP B 178 16.30 20.12 -5.65
CA TRP B 178 15.45 20.61 -4.57
C TRP B 178 15.09 19.45 -3.65
N HIS B 179 14.66 18.33 -4.22
CA HIS B 179 14.29 17.17 -3.39
C HIS B 179 15.49 16.60 -2.65
N HIS B 180 16.64 16.55 -3.31
CA HIS B 180 17.81 15.99 -2.65
C HIS B 180 18.20 16.83 -1.43
N GLU B 181 18.17 18.15 -1.57
CA GLU B 181 18.39 19.02 -0.40
C GLU B 181 17.33 18.80 0.66
N ASN B 182 16.07 18.57 0.23
CA ASN B 182 15.00 18.41 1.20
C ASN B 182 15.20 17.17 2.07
N LEU B 183 15.96 16.18 1.59
CA LEU B 183 16.22 15.00 2.42
C LEU B 183 16.89 15.39 3.71
N ARG B 184 17.61 16.52 3.70
CA ARG B 184 18.34 16.97 4.87
C ARG B 184 17.42 17.49 5.97
N ASN B 185 16.12 17.57 5.71
CA ASN B 185 15.14 17.93 6.71
C ASN B 185 14.59 16.72 7.48
N TYR B 186 15.12 15.52 7.26
CA TYR B 186 14.56 14.32 7.89
C TYR B 186 15.67 13.48 8.46
N LEU B 187 16.72 14.14 9.01
CA LEU B 187 17.88 13.37 9.47
C LEU B 187 17.60 12.56 10.74
N ASN B 188 16.55 12.85 11.48
CA ASN B 188 16.24 12.06 12.66
C ASN B 188 15.24 10.95 12.40
N ALA B 189 14.86 10.71 11.15
CA ALA B 189 13.99 9.58 10.84
C ALA B 189 14.78 8.26 10.79
N SER B 190 14.29 7.25 11.51
CA SER B 190 15.03 5.99 11.67
C SER B 190 14.06 4.85 11.96
N PRO B 191 14.37 3.64 11.48
CA PRO B 191 13.54 2.47 11.86
C PRO B 191 13.84 1.94 13.24
N ASP B 192 14.89 2.43 13.90
CA ASP B 192 15.37 1.82 15.13
C ASP B 192 14.34 1.89 16.26
N PHE B 193 14.38 0.89 17.14
CA PHE B 193 13.53 0.88 18.32
C PHE B 193 14.35 1.41 19.49
N PRO B 194 13.96 2.53 20.11
CA PRO B 194 14.63 2.95 21.36
C PRO B 194 13.98 2.28 22.57
N GLU B 195 14.80 1.80 23.50
CA GLU B 195 14.19 1.18 24.68
C GLU B 195 13.63 2.21 25.65
N LYS B 196 14.42 3.23 26.03
CA LYS B 196 13.95 4.25 26.99
C LYS B 196 14.62 5.60 26.80
N ILE B 197 13.76 6.62 26.73
N ILE B 197 13.79 6.66 26.79
CA ILE B 197 14.15 8.03 26.76
CA ILE B 197 14.27 8.05 26.71
C ILE B 197 13.76 8.58 28.12
C ILE B 197 13.71 8.82 27.90
N VAL B 198 14.59 9.45 28.68
CA VAL B 198 14.16 10.28 29.81
C VAL B 198 14.11 11.73 29.35
N LEU B 199 12.91 12.32 29.42
CA LEU B 199 12.74 13.75 29.12
C LEU B 199 12.46 14.44 30.44
N ASN B 200 13.43 15.24 30.92
CA ASN B 200 13.38 15.85 32.24
C ASN B 200 13.39 14.73 33.29
N ARG B 201 12.26 14.42 33.92
CA ARG B 201 12.21 13.25 34.80
C ARG B 201 11.15 12.26 34.35
N ALA B 202 10.64 12.40 33.11
CA ALA B 202 9.67 11.46 32.54
C ALA B 202 10.37 10.31 31.83
N ASP B 203 10.04 9.07 32.20
CA ASP B 203 10.53 7.89 31.49
C ASP B 203 9.60 7.60 30.33
N LEU B 204 10.10 7.71 29.11
CA LEU B 204 9.28 7.59 27.91
C LEU B 204 9.71 6.34 27.13
N VAL B 205 8.77 5.41 26.93
CA VAL B 205 9.09 4.25 26.09
C VAL B 205 8.14 4.27 24.90
N PRO B 206 8.54 3.67 23.78
CA PRO B 206 7.65 3.68 22.61
C PRO B 206 6.36 2.93 22.86
N PHE B 207 5.29 3.38 22.18
CA PHE B 207 4.10 2.54 22.14
C PHE B 207 4.38 1.23 21.43
N GLY B 208 5.30 1.24 20.47
CA GLY B 208 5.51 0.10 19.58
C GLY B 208 6.50 0.51 18.52
N SER B 209 6.47 -0.18 17.37
CA SER B 209 7.41 0.16 16.31
C SER B 209 7.08 1.52 15.69
N GLY B 210 8.12 2.16 15.15
CA GLY B 210 7.92 3.40 14.39
C GLY B 210 8.18 4.69 15.15
N SER B 211 8.63 4.61 16.42
CA SER B 211 8.68 5.83 17.22
C SER B 211 9.72 6.83 16.70
N LEU B 212 10.76 6.35 16.03
CA LEU B 212 11.76 7.26 15.48
C LEU B 212 11.58 7.49 14.00
N MET B 213 10.54 6.91 13.39
CA MET B 213 10.13 7.24 12.03
C MET B 213 9.30 8.51 11.98
N ARG B 214 8.86 8.98 13.15
CA ARG B 214 8.08 10.22 13.26
C ARG B 214 8.73 11.35 12.47
N GLY B 215 7.90 12.01 11.66
CA GLY B 215 8.36 13.06 10.79
C GLY B 215 8.31 12.69 9.32
N ILE B 216 8.40 11.40 8.98
CA ILE B 216 8.20 11.01 7.59
C ILE B 216 6.77 11.38 7.20
N PRO B 217 6.55 12.17 6.15
CA PRO B 217 5.20 12.63 5.86
C PRO B 217 4.39 11.55 5.17
N GLY B 218 3.08 11.56 5.40
CA GLY B 218 2.17 10.57 4.81
C GLY B 218 1.27 11.07 3.70
N ASP B 219 1.43 12.33 3.33
CA ASP B 219 0.53 12.93 2.37
C ASP B 219 0.98 12.64 0.93
N TYR B 220 0.10 12.94 -0.02
CA TYR B 220 0.37 12.60 -1.41
C TYR B 220 1.16 13.66 -2.17
N TYR B 221 1.57 14.76 -1.55
CA TYR B 221 2.26 15.81 -2.28
C TYR B 221 3.59 15.29 -2.82
N SER B 222 4.00 15.78 -4.01
CA SER B 222 5.22 15.27 -4.64
C SER B 222 6.46 15.30 -3.73
N PRO B 223 6.83 16.41 -3.08
CA PRO B 223 8.01 16.36 -2.19
C PRO B 223 7.84 15.37 -1.06
N SER B 224 6.60 15.19 -0.56
CA SER B 224 6.37 14.22 0.52
C SER B 224 6.58 12.79 0.03
N ARG B 225 6.06 12.46 -1.15
CA ARG B 225 6.31 11.13 -1.70
C ARG B 225 7.79 10.88 -1.97
N PHE B 226 8.52 11.90 -2.40
CA PHE B 226 9.95 11.70 -2.61
C PHE B 226 10.62 11.31 -1.30
N VAL B 227 10.33 12.05 -0.22
CA VAL B 227 10.95 11.77 1.08
C VAL B 227 10.53 10.39 1.58
N ARG B 228 9.23 10.10 1.51
CA ARG B 228 8.73 8.82 2.03
C ARG B 228 9.29 7.66 1.22
N ALA B 229 9.27 7.79 -0.11
CA ALA B 229 9.87 6.74 -0.93
C ALA B 229 11.37 6.60 -0.67
N ALA B 230 12.08 7.73 -0.48
CA ALA B 230 13.52 7.61 -0.25
C ALA B 230 13.81 6.87 1.04
N TYR B 231 13.01 7.12 2.10
CA TYR B 231 13.17 6.41 3.38
C TYR B 231 12.85 4.92 3.22
N VAL B 232 11.70 4.59 2.65
CA VAL B 232 11.30 3.18 2.59
C VAL B 232 12.27 2.40 1.70
N HIS B 233 12.63 3.00 0.56
CA HIS B 233 13.51 2.33 -0.39
C HIS B 233 14.92 2.15 0.17
N ALA B 234 15.43 3.16 0.88
CA ALA B 234 16.77 3.05 1.47
C ALA B 234 16.84 1.96 2.52
N HIS B 235 15.75 1.75 3.26
CA HIS B 235 15.76 0.84 4.39
C HIS B 235 15.28 -0.56 4.07
N TYR B 236 14.76 -0.80 2.89
CA TYR B 236 14.27 -2.14 2.55
C TYR B 236 15.47 -3.09 2.39
N PRO B 237 15.50 -4.22 3.10
CA PRO B 237 16.67 -5.10 3.00
C PRO B 237 16.84 -5.68 1.60
N GLY B 238 18.09 -5.76 1.14
CA GLY B 238 18.31 -6.35 -0.18
C GLY B 238 17.87 -7.80 -0.22
N LYS B 239 17.35 -8.21 -1.38
CA LYS B 239 16.83 -9.55 -1.57
C LYS B 239 17.54 -10.22 -2.74
N SER B 240 17.67 -11.55 -2.69
CA SER B 240 18.40 -12.27 -3.71
C SER B 240 17.53 -13.13 -4.63
N THR B 241 16.21 -13.22 -4.40
CA THR B 241 15.40 -14.05 -5.28
C THR B 241 14.51 -13.18 -6.15
N GLU B 242 14.13 -13.72 -7.33
CA GLU B 242 13.18 -13.00 -8.16
C GLU B 242 11.89 -12.71 -7.39
N GLU B 243 11.34 -13.72 -6.70
CA GLU B 243 10.04 -13.49 -6.05
C GLU B 243 10.12 -12.42 -4.96
N GLU B 244 11.18 -12.42 -4.13
CA GLU B 244 11.26 -11.39 -3.09
C GLU B 244 11.51 -10.02 -3.69
N ASN B 245 12.21 -9.96 -4.81
CA ASN B 245 12.43 -8.66 -5.44
C ASN B 245 11.19 -8.15 -6.14
N VAL B 246 10.37 -9.03 -6.73
CA VAL B 246 9.08 -8.54 -7.23
C VAL B 246 8.24 -8.01 -6.08
N SER B 247 8.19 -8.75 -4.97
CA SER B 247 7.41 -8.31 -3.82
C SER B 247 7.92 -6.97 -3.27
N ARG B 248 9.25 -6.78 -3.30
CA ARG B 248 9.83 -5.51 -2.84
C ARG B 248 9.29 -4.34 -3.66
N ALA B 249 9.16 -4.50 -4.98
CA ALA B 249 8.70 -3.37 -5.79
C ALA B 249 7.29 -2.97 -5.40
N PHE B 250 6.38 -3.96 -5.33
CA PHE B 250 5.00 -3.62 -5.10
C PHE B 250 4.78 -3.11 -3.68
N HIS B 251 5.47 -3.68 -2.68
CA HIS B 251 5.32 -3.13 -1.33
C HIS B 251 5.87 -1.72 -1.22
N THR B 252 7.04 -1.46 -1.81
CA THR B 252 7.62 -0.14 -1.70
C THR B 252 6.72 0.89 -2.36
N LEU B 253 6.18 0.54 -3.54
CA LEU B 253 5.34 1.52 -4.22
C LEU B 253 3.95 1.61 -3.61
N GLN B 254 3.47 0.56 -2.91
CA GLN B 254 2.22 0.71 -2.17
C GLN B 254 2.36 1.73 -1.05
N GLN B 255 3.56 1.92 -0.53
CA GLN B 255 3.77 2.90 0.53
C GLN B 255 3.66 4.34 0.07
N VAL B 256 3.76 4.60 -1.24
CA VAL B 256 3.59 5.95 -1.74
C VAL B 256 2.43 6.03 -2.73
N ALA B 257 1.57 5.01 -2.76
CA ALA B 257 0.43 4.99 -3.68
C ALA B 257 -0.65 5.98 -3.25
N MET B 258 -1.58 6.23 -4.18
CA MET B 258 -2.71 7.16 -4.02
C MET B 258 -4.01 6.37 -4.13
N VAL B 259 -4.93 6.54 -3.17
CA VAL B 259 -6.17 5.78 -3.23
C VAL B 259 -7.33 6.77 -3.27
N ASP B 260 -8.50 6.26 -3.65
CA ASP B 260 -9.64 7.13 -3.93
C ASP B 260 -9.98 8.02 -2.74
N GLY B 261 -10.27 9.30 -3.05
CA GLY B 261 -10.80 10.23 -2.07
C GLY B 261 -9.77 11.07 -1.32
N SER B 262 -8.48 10.69 -1.35
CA SER B 262 -7.53 11.35 -0.42
C SER B 262 -6.85 12.61 -0.96
N ALA B 263 -6.81 12.82 -2.27
CA ALA B 263 -6.20 14.03 -2.80
C ALA B 263 -6.80 14.35 -4.17
N ALA B 264 -7.42 15.51 -4.30
CA ALA B 264 -8.01 15.91 -5.55
C ALA B 264 -7.04 16.71 -6.41
N MET B 265 -7.29 16.66 -7.72
CA MET B 265 -6.66 17.57 -8.68
C MET B 265 -7.54 18.80 -8.85
N GLY B 266 -7.07 19.77 -9.64
CA GLY B 266 -7.85 20.99 -9.82
C GLY B 266 -9.25 20.73 -10.36
N SER B 267 -9.39 19.67 -11.16
CA SER B 267 -10.71 19.27 -11.65
C SER B 267 -11.67 18.83 -10.54
N GLY B 268 -11.16 18.55 -9.34
CA GLY B 268 -11.97 17.95 -8.31
C GLY B 268 -11.92 16.43 -8.28
N GLU B 269 -11.41 15.81 -9.35
CA GLU B 269 -11.29 14.35 -9.38
C GLU B 269 -10.10 13.92 -8.54
N PHE B 270 -10.19 12.71 -7.99
CA PHE B 270 -9.16 12.21 -7.09
C PHE B 270 -8.10 11.49 -7.88
N GLU B 271 -6.84 11.79 -7.56
N GLU B 271 -6.84 11.78 -7.56
CA GLU B 271 -5.74 11.08 -8.18
CA GLU B 271 -5.74 11.07 -8.19
C GLU B 271 -5.57 9.72 -7.50
C GLU B 271 -5.53 9.73 -7.49
N LYS B 272 -5.32 8.67 -8.30
CA LYS B 272 -5.21 7.31 -7.77
C LYS B 272 -4.10 6.57 -8.52
N THR B 273 -3.50 5.55 -7.88
CA THR B 273 -2.47 4.77 -8.55
C THR B 273 -3.17 3.83 -9.53
N THR B 274 -3.11 4.15 -10.84
CA THR B 274 -3.88 3.36 -11.80
C THR B 274 -3.22 2.03 -12.12
N TYR B 275 -1.89 2.02 -12.22
CA TYR B 275 -1.14 0.78 -12.32
C TYR B 275 0.20 0.97 -11.63
N THR B 276 0.81 -0.16 -11.27
CA THR B 276 2.17 -0.18 -10.76
C THR B 276 2.89 -1.17 -11.63
N GLY B 277 4.01 -0.76 -12.21
CA GLY B 277 4.72 -1.59 -13.18
C GLY B 277 6.16 -1.80 -12.74
N LEU B 278 6.70 -2.97 -13.07
CA LEU B 278 8.07 -3.35 -12.70
C LEU B 278 8.75 -4.04 -13.87
N PHE B 279 9.97 -3.58 -14.21
CA PHE B 279 10.80 -4.27 -15.19
C PHE B 279 11.88 -5.03 -14.44
N SER B 280 12.02 -6.34 -14.73
CA SER B 280 13.09 -7.16 -14.16
C SER B 280 14.03 -7.65 -15.25
N SER B 281 15.30 -7.24 -15.19
CA SER B 281 16.26 -7.75 -16.17
C SER B 281 16.61 -9.21 -15.92
N ARG B 282 16.50 -9.69 -14.68
CA ARG B 282 16.86 -11.09 -14.38
C ARG B 282 16.03 -12.05 -15.21
N THR B 283 14.75 -11.76 -15.37
CA THR B 283 13.82 -12.62 -16.11
C THR B 283 13.31 -11.97 -17.38
N MET B 284 13.83 -10.80 -17.75
CA MET B 284 13.34 -9.99 -18.87
C MET B 284 11.82 -10.03 -18.98
N THR B 285 11.22 -9.62 -17.88
CA THR B 285 9.78 -9.70 -17.69
C THR B 285 9.29 -8.37 -17.18
N TYR B 286 8.11 -7.96 -17.65
CA TYR B 286 7.43 -6.77 -17.18
C TYR B 286 6.27 -7.26 -16.33
N TYR B 287 6.25 -6.84 -15.05
CA TYR B 287 5.21 -7.21 -14.10
C TYR B 287 4.32 -6.00 -13.80
N TRP B 288 3.01 -6.22 -13.56
CA TRP B 288 2.22 -5.06 -13.13
C TRP B 288 0.99 -5.51 -12.37
N ASN B 289 0.42 -4.58 -11.60
CA ASN B 289 -0.97 -4.73 -11.16
C ASN B 289 -1.67 -3.39 -11.33
N THR B 290 -2.94 -3.32 -10.95
CA THR B 290 -3.78 -2.18 -11.27
C THR B 290 -4.61 -1.79 -10.05
N TYR B 291 -5.25 -0.61 -10.14
CA TYR B 291 -6.10 -0.19 -9.03
C TYR B 291 -7.19 -1.22 -8.77
N GLU B 292 -7.76 -1.79 -9.84
CA GLU B 292 -8.88 -2.71 -9.67
C GLU B 292 -8.48 -4.14 -9.28
N ASP B 293 -7.20 -4.52 -9.40
CA ASP B 293 -6.80 -5.89 -9.13
C ASP B 293 -5.35 -5.92 -8.70
N PRO B 294 -5.08 -6.17 -7.42
CA PRO B 294 -3.68 -6.20 -6.95
C PRO B 294 -2.90 -7.44 -7.39
N ALA B 295 -3.53 -8.45 -7.99
CA ALA B 295 -2.76 -9.63 -8.41
C ALA B 295 -1.75 -9.22 -9.46
N VAL B 296 -0.54 -9.76 -9.36
CA VAL B 296 0.55 -9.39 -10.28
C VAL B 296 0.41 -10.17 -11.57
N ARG B 297 0.38 -9.45 -12.67
CA ARG B 297 0.39 -9.99 -14.03
C ARG B 297 1.80 -9.85 -14.61
N SER B 298 2.10 -10.67 -15.61
CA SER B 298 3.43 -10.51 -16.20
C SER B 298 3.46 -10.86 -17.69
N VAL B 299 4.41 -10.26 -18.38
CA VAL B 299 4.72 -10.56 -19.78
C VAL B 299 6.23 -10.76 -19.90
N ALA B 300 6.64 -11.91 -20.43
CA ALA B 300 8.05 -12.22 -20.65
C ALA B 300 8.45 -11.86 -22.07
N MET B 301 9.57 -11.14 -22.22
N MET B 301 9.57 -11.13 -22.23
CA MET B 301 10.05 -10.84 -23.56
CA MET B 301 10.03 -10.81 -23.58
C MET B 301 10.22 -12.11 -24.37
C MET B 301 10.34 -12.07 -24.38
N ALA B 302 10.64 -13.19 -23.70
CA ALA B 302 10.93 -14.45 -24.39
C ALA B 302 9.71 -15.07 -25.07
N ASP B 303 8.51 -14.62 -24.75
CA ASP B 303 7.28 -15.13 -25.36
C ASP B 303 6.89 -14.36 -26.61
N HIS B 304 7.70 -13.39 -27.02
CA HIS B 304 7.32 -12.52 -28.12
C HIS B 304 8.48 -12.42 -29.09
N ALA B 305 8.13 -12.03 -30.32
CA ALA B 305 9.06 -11.98 -31.44
C ALA B 305 9.90 -10.71 -31.32
N ALA B 306 10.89 -10.77 -30.44
CA ALA B 306 11.75 -9.62 -30.13
C ALA B 306 12.79 -9.38 -31.21
N ASP B 307 12.95 -10.33 -32.13
CA ASP B 307 13.73 -10.16 -33.35
C ASP B 307 12.84 -9.90 -34.56
N GLY B 308 11.53 -9.73 -34.36
CA GLY B 308 10.62 -9.49 -35.44
C GLY B 308 10.74 -8.08 -35.99
N THR B 309 9.81 -7.75 -36.89
CA THR B 309 9.85 -6.48 -37.58
C THR B 309 8.72 -5.53 -37.18
N GLU B 310 7.77 -5.97 -36.34
CA GLU B 310 6.63 -5.12 -36.04
C GLU B 310 6.50 -4.92 -34.53
N LEU B 311 6.13 -3.71 -34.12
CA LEU B 311 5.73 -3.50 -32.73
C LEU B 311 4.68 -4.52 -32.35
N VAL B 312 4.80 -5.09 -31.14
CA VAL B 312 3.83 -6.06 -30.64
C VAL B 312 3.08 -5.42 -29.48
N VAL B 313 1.77 -5.26 -29.63
CA VAL B 313 0.92 -4.82 -28.53
C VAL B 313 0.38 -6.10 -27.90
N VAL B 314 0.82 -6.40 -26.68
CA VAL B 314 0.66 -7.72 -26.10
C VAL B 314 -0.74 -7.86 -25.56
N LEU B 315 -1.38 -8.97 -25.90
CA LEU B 315 -2.77 -9.20 -25.53
C LEU B 315 -2.94 -10.28 -24.49
N GLU B 316 -1.90 -11.09 -24.25
CA GLU B 316 -1.98 -12.23 -23.34
C GLU B 316 -0.90 -12.12 -22.27
N HIS B 317 -1.21 -12.59 -21.06
CA HIS B 317 -0.28 -12.41 -19.97
C HIS B 317 -0.36 -13.61 -19.02
N HIS B 318 0.60 -13.66 -18.10
CA HIS B 318 0.73 -14.74 -17.13
C HIS B 318 0.28 -14.26 -15.76
N HIS B 319 -0.13 -15.27 -14.95
CA HIS B 319 -0.38 -15.18 -13.49
C HIS B 319 -1.58 -14.30 -13.15
N HIS B 320 -2.63 -14.38 -13.98
CA HIS B 320 -3.98 -13.79 -13.76
C HIS B 320 -4.68 -13.59 -15.10
#